data_3SHO
#
_entry.id   3SHO
#
_cell.length_a   68.194
_cell.length_b   77.816
_cell.length_c   71.157
_cell.angle_alpha   90.00
_cell.angle_beta   94.89
_cell.angle_gamma   90.00
#
_symmetry.space_group_name_H-M   'P 1 21 1'
#
loop_
_entity.id
_entity.type
_entity.pdbx_description
1 polymer 'Transcriptional regulator, RpiR family'
2 water water
#
_entity_poly.entity_id   1
_entity_poly.type   'polypeptide(L)'
_entity_poly.pdbx_seq_one_letter_code
;DRQQLPVQVFTNDIENLNQTLNQTQPEAIEAAVEAI(OCS)RADHVIVVG(MSE)GFSAAVAVFLGHGLNSLGIRTTVLT
EGGSTLTITLANLRPTDL(MSE)IGVSVWRYLRDTVAALAGAAERGVPT(MSE)ALTDSSVSPPARIADHVLVAATRGVG
HSLSPVGLIAVVNLLLAEIAVREPERALAVLREVDRLYREQG(MSE)
;
_entity_poly.pdbx_strand_id   A,B,C,D
#
# COMPACT_ATOMS: atom_id res chain seq x y z
N ASP A 1 -19.19 -35.72 -1.84
CA ASP A 1 -19.75 -34.50 -1.24
C ASP A 1 -18.75 -33.35 -1.50
N ARG A 2 -17.91 -32.96 -0.50
CA ARG A 2 -16.91 -31.92 -0.77
C ARG A 2 -15.72 -32.46 -1.63
N GLN A 3 -15.73 -33.78 -2.00
CA GLN A 3 -14.70 -34.29 -2.93
C GLN A 3 -15.00 -33.80 -4.37
N GLN A 4 -16.22 -33.29 -4.57
CA GLN A 4 -16.69 -32.73 -5.83
C GLN A 4 -16.36 -31.22 -5.96
N LEU A 5 -15.87 -30.58 -4.89
CA LEU A 5 -15.58 -29.14 -4.90
C LEU A 5 -14.54 -28.73 -5.96
N PRO A 6 -13.41 -29.46 -6.16
CA PRO A 6 -12.49 -29.05 -7.24
C PRO A 6 -13.20 -29.02 -8.61
N VAL A 7 -13.99 -30.05 -8.98
CA VAL A 7 -14.71 -30.03 -10.27
C VAL A 7 -15.69 -28.86 -10.28
N GLN A 8 -16.44 -28.66 -9.20
CA GLN A 8 -17.44 -27.56 -9.15
C GLN A 8 -16.77 -26.19 -9.34
N VAL A 9 -15.67 -25.93 -8.60
CA VAL A 9 -14.97 -24.63 -8.63
C VAL A 9 -14.35 -24.40 -10.00
N PHE A 10 -13.61 -25.38 -10.50
CA PHE A 10 -12.94 -25.20 -11.79
C PHE A 10 -13.98 -25.10 -12.94
N THR A 11 -15.06 -25.92 -12.90
CA THR A 11 -16.10 -25.81 -13.96
C THR A 11 -16.84 -24.48 -13.88
N ASN A 12 -17.08 -23.98 -12.68
CA ASN A 12 -17.75 -22.69 -12.53
C ASN A 12 -16.89 -21.59 -13.27
N ASP A 13 -15.54 -21.64 -13.07
CA ASP A 13 -14.64 -20.65 -13.65
C ASP A 13 -14.59 -20.84 -15.19
N ILE A 14 -14.66 -22.08 -15.70
CA ILE A 14 -14.69 -22.30 -17.16
C ILE A 14 -15.96 -21.69 -17.71
N GLU A 15 -17.08 -21.88 -17.02
CA GLU A 15 -18.38 -21.34 -17.49
C GLU A 15 -18.32 -19.82 -17.45
N ASN A 16 -17.63 -19.24 -16.44
CA ASN A 16 -17.49 -17.76 -16.34
C ASN A 16 -16.73 -17.29 -17.54
N LEU A 17 -15.66 -18.02 -17.97
CA LEU A 17 -14.90 -17.62 -19.16
C LEU A 17 -15.77 -17.68 -20.41
N ASN A 18 -16.53 -18.76 -20.59
CA ASN A 18 -17.40 -18.92 -21.77
C ASN A 18 -18.41 -17.80 -21.80
N GLN A 19 -19.08 -17.50 -20.66
CA GLN A 19 -20.11 -16.42 -20.62
C GLN A 19 -19.49 -15.06 -20.89
N THR A 20 -18.27 -14.81 -20.30
CA THR A 20 -17.57 -13.51 -20.52
C THR A 20 -17.25 -13.35 -22.01
N LEU A 21 -16.65 -14.38 -22.60
CA LEU A 21 -16.32 -14.37 -24.06
C LEU A 21 -17.58 -14.10 -24.90
N ASN A 22 -18.72 -14.75 -24.57
N ASN A 22 -18.71 -14.76 -24.59
CA ASN A 22 -20.00 -14.54 -25.28
CA ASN A 22 -19.93 -14.53 -25.35
C ASN A 22 -20.51 -13.09 -25.18
C ASN A 22 -20.41 -13.05 -25.25
N GLN A 23 -20.16 -12.38 -24.12
CA GLN A 23 -20.59 -10.99 -23.87
C GLN A 23 -19.59 -9.97 -24.36
N THR A 24 -18.48 -10.41 -24.93
CA THR A 24 -17.43 -9.45 -25.31
C THR A 24 -17.78 -8.92 -26.68
N GLN A 25 -17.72 -7.59 -26.86
CA GLN A 25 -18.06 -7.02 -28.18
C GLN A 25 -16.78 -6.48 -28.82
N PRO A 26 -16.40 -6.87 -30.08
CA PRO A 26 -15.16 -6.33 -30.69
C PRO A 26 -15.08 -4.79 -30.72
N GLU A 27 -16.21 -4.10 -31.01
CA GLU A 27 -16.25 -2.63 -31.04
C GLU A 27 -15.92 -2.04 -29.66
N ALA A 28 -16.45 -2.64 -28.58
CA ALA A 28 -16.24 -2.14 -27.25
C ALA A 28 -14.80 -2.41 -26.80
N ILE A 29 -14.21 -3.56 -27.16
CA ILE A 29 -12.82 -3.81 -26.82
C ILE A 29 -11.93 -2.84 -27.52
N GLU A 30 -12.24 -2.56 -28.80
CA GLU A 30 -11.45 -1.65 -29.64
C GLU A 30 -11.56 -0.23 -29.09
N ALA A 31 -12.79 0.23 -28.78
CA ALA A 31 -12.93 1.57 -28.18
C ALA A 31 -12.19 1.67 -26.80
N ALA A 32 -12.21 0.62 -25.99
CA ALA A 32 -11.55 0.58 -24.67
C ALA A 32 -10.00 0.64 -24.82
N VAL A 33 -9.48 -0.15 -25.77
CA VAL A 33 -8.04 -0.15 -26.03
C VAL A 33 -7.59 1.22 -26.58
N GLU A 34 -8.35 1.83 -27.49
CA GLU A 34 -7.97 3.13 -28.02
C GLU A 34 -7.97 4.19 -26.89
N ALA A 35 -8.92 4.10 -25.96
CA ALA A 35 -9.01 5.05 -24.86
C ALA A 35 -7.78 4.90 -23.96
N ILE A 36 -7.39 3.65 -23.67
CA ILE A 36 -6.22 3.44 -22.83
C ILE A 36 -4.93 3.98 -23.49
N OCS A 37 -4.79 3.72 -24.76
CA OCS A 37 -3.59 4.13 -25.48
CB OCS A 37 -3.82 3.40 -26.83
SG OCS A 37 -2.43 2.30 -27.20
C OCS A 37 -3.54 5.66 -25.67
O OCS A 37 -2.46 6.23 -25.67
OD1 OCS A 37 -2.18 1.37 -26.11
OD2 OCS A 37 -2.68 1.54 -28.48
OD3 OCS A 37 -1.33 3.20 -27.31
N ARG A 38 -4.68 6.34 -25.77
CA ARG A 38 -4.75 7.80 -25.99
C ARG A 38 -4.51 8.60 -24.70
N ALA A 39 -4.73 7.99 -23.55
CA ALA A 39 -4.56 8.67 -22.27
C ALA A 39 -3.11 9.06 -22.00
N ASP A 40 -2.87 10.20 -21.34
CA ASP A 40 -1.50 10.57 -20.95
C ASP A 40 -1.16 9.86 -19.63
N HIS A 41 -2.21 9.57 -18.83
CA HIS A 41 -2.12 8.86 -17.55
C HIS A 41 -3.37 8.04 -17.29
N VAL A 42 -3.21 6.85 -16.71
CA VAL A 42 -4.40 6.02 -16.44
C VAL A 42 -4.54 5.84 -14.93
N ILE A 43 -5.74 6.00 -14.39
CA ILE A 43 -5.94 5.71 -12.95
C ILE A 43 -6.85 4.46 -12.88
N VAL A 44 -6.48 3.44 -12.11
CA VAL A 44 -7.33 2.27 -11.99
C VAL A 44 -7.77 2.17 -10.57
N VAL A 45 -9.09 2.08 -10.34
CA VAL A 45 -9.64 1.99 -9.00
C VAL A 45 -10.42 0.67 -8.84
N GLY A 46 -10.17 -0.07 -7.76
CA GLY A 46 -10.95 -1.28 -7.49
C GLY A 46 -10.79 -1.50 -6.03
N MSE A 47 -11.86 -1.82 -5.30
CA MSE A 47 -11.83 -2.05 -3.87
C MSE A 47 -12.43 -3.39 -3.50
O MSE A 47 -13.22 -3.95 -4.21
CB MSE A 47 -12.62 -0.91 -3.15
CG MSE A 47 -11.79 0.38 -3.18
SE MSE A 47 -12.94 1.80 -2.68
CE MSE A 47 -12.23 3.13 -3.86
N GLY A 48 -12.06 -3.84 -2.32
CA GLY A 48 -12.55 -5.07 -1.77
C GLY A 48 -12.27 -6.21 -2.71
N PHE A 49 -13.33 -6.88 -3.14
CA PHE A 49 -13.14 -8.02 -4.03
C PHE A 49 -12.40 -7.60 -5.31
N SER A 50 -12.75 -6.40 -5.84
CA SER A 50 -12.17 -5.93 -7.10
C SER A 50 -10.71 -5.45 -7.00
N ALA A 51 -10.20 -5.22 -5.80
CA ALA A 51 -8.84 -4.69 -5.68
C ALA A 51 -7.81 -5.52 -6.46
N ALA A 52 -7.90 -6.85 -6.40
CA ALA A 52 -6.95 -7.77 -7.10
C ALA A 52 -6.93 -7.52 -8.61
N VAL A 53 -8.13 -7.31 -9.15
CA VAL A 53 -8.25 -7.08 -10.59
C VAL A 53 -7.59 -5.70 -10.95
N ALA A 54 -7.83 -4.67 -10.10
CA ALA A 54 -7.22 -3.33 -10.34
C ALA A 54 -5.71 -3.46 -10.24
N VAL A 55 -5.19 -4.20 -9.25
CA VAL A 55 -3.74 -4.42 -9.12
C VAL A 55 -3.18 -5.11 -10.41
N PHE A 56 -3.89 -6.16 -10.93
CA PHE A 56 -3.36 -6.89 -12.07
C PHE A 56 -3.33 -5.99 -13.29
N LEU A 57 -4.43 -5.26 -13.48
CA LEU A 57 -4.53 -4.40 -14.68
C LEU A 57 -3.47 -3.29 -14.63
N GLY A 58 -3.27 -2.66 -13.47
CA GLY A 58 -2.21 -1.65 -13.37
C GLY A 58 -0.82 -2.23 -13.59
N HIS A 59 -0.55 -3.43 -13.03
CA HIS A 59 0.75 -4.08 -13.26
C HIS A 59 0.98 -4.26 -14.80
N GLY A 60 -0.05 -4.80 -15.48
CA GLY A 60 0.00 -5.07 -16.89
C GLY A 60 0.23 -3.78 -17.67
N LEU A 61 -0.55 -2.75 -17.39
CA LEU A 61 -0.41 -1.50 -18.19
C LEU A 61 0.96 -0.84 -18.00
N ASN A 62 1.43 -0.78 -16.73
CA ASN A 62 2.76 -0.22 -16.46
C ASN A 62 3.86 -1.01 -17.15
N SER A 63 3.68 -2.37 -17.25
CA SER A 63 4.70 -3.20 -17.92
C SER A 63 4.75 -2.96 -19.42
N LEU A 64 3.65 -2.56 -19.99
CA LEU A 64 3.50 -2.26 -21.42
C LEU A 64 3.90 -0.81 -21.73
N GLY A 65 4.23 -0.03 -20.73
CA GLY A 65 4.66 1.36 -20.95
C GLY A 65 3.56 2.39 -20.87
N ILE A 66 2.42 2.05 -20.27
CA ILE A 66 1.29 2.97 -20.03
C ILE A 66 1.30 3.32 -18.56
N ARG A 67 1.71 4.53 -18.24
CA ARG A 67 1.87 5.04 -16.85
C ARG A 67 0.53 4.99 -16.15
N THR A 68 0.47 4.21 -15.06
CA THR A 68 -0.81 3.91 -14.39
C THR A 68 -0.67 3.97 -12.90
N THR A 69 -1.66 4.61 -12.25
CA THR A 69 -1.81 4.65 -10.81
C THR A 69 -2.90 3.67 -10.41
N VAL A 70 -2.66 2.86 -9.36
CA VAL A 70 -3.68 1.92 -8.90
C VAL A 70 -4.14 2.38 -7.51
N LEU A 71 -5.44 2.64 -7.34
CA LEU A 71 -6.00 2.97 -6.00
C LEU A 71 -6.90 1.85 -5.53
N THR A 72 -6.64 1.25 -4.37
CA THR A 72 -7.49 0.14 -3.90
C THR A 72 -8.27 0.52 -2.63
N GLU A 73 -8.23 1.80 -2.30
CA GLU A 73 -8.90 2.44 -1.18
C GLU A 73 -9.47 3.84 -1.60
N GLY A 74 -10.54 4.27 -0.93
CA GLY A 74 -11.21 5.54 -1.22
C GLY A 74 -10.87 6.67 -0.29
N GLY A 75 -11.87 7.42 0.13
CA GLY A 75 -11.74 8.55 1.04
C GLY A 75 -11.01 9.78 0.53
N SER A 76 -10.20 10.40 1.44
CA SER A 76 -9.40 11.61 1.20
C SER A 76 -8.42 11.43 0.01
N THR A 77 -7.70 10.29 -0.08
CA THR A 77 -6.78 10.03 -1.21
C THR A 77 -7.48 10.10 -2.56
N LEU A 78 -8.71 9.54 -2.63
CA LEU A 78 -9.54 9.53 -3.82
C LEU A 78 -10.07 10.92 -4.07
N THR A 79 -10.56 11.62 -3.04
CA THR A 79 -11.04 13.01 -3.17
C THR A 79 -9.96 13.87 -3.80
N ILE A 80 -8.73 13.78 -3.28
CA ILE A 80 -7.56 14.55 -3.76
C ILE A 80 -7.21 14.12 -5.17
N THR A 81 -7.25 12.81 -5.44
CA THR A 81 -7.04 12.34 -6.81
C THR A 81 -8.07 12.98 -7.75
N LEU A 82 -9.37 12.96 -7.36
CA LEU A 82 -10.42 13.58 -8.19
C LEU A 82 -10.19 15.07 -8.34
N ALA A 83 -9.78 15.73 -7.25
CA ALA A 83 -9.52 17.17 -7.31
C ALA A 83 -8.42 17.46 -8.31
N ASN A 84 -7.45 16.52 -8.49
CA ASN A 84 -6.30 16.81 -9.37
C ASN A 84 -6.42 16.18 -10.77
N LEU A 85 -7.59 15.66 -11.12
CA LEU A 85 -7.75 15.04 -12.45
C LEU A 85 -7.54 16.03 -13.58
N ARG A 86 -7.02 15.53 -14.69
CA ARG A 86 -6.79 16.28 -15.91
C ARG A 86 -7.61 15.67 -17.05
N PRO A 87 -7.99 16.48 -18.06
CA PRO A 87 -8.81 15.96 -19.18
C PRO A 87 -8.13 14.84 -19.98
N THR A 88 -6.76 14.73 -19.90
CA THR A 88 -5.94 13.73 -20.59
C THR A 88 -5.73 12.43 -19.75
N ASP A 89 -6.29 12.39 -18.57
CA ASP A 89 -6.33 11.18 -17.77
C ASP A 89 -7.42 10.22 -18.29
N LEU A 90 -7.38 8.98 -17.85
CA LEU A 90 -8.45 7.98 -18.08
C LEU A 90 -8.71 7.37 -16.75
N MSE A 91 -9.97 7.34 -16.33
CA MSE A 91 -10.33 6.74 -15.03
C MSE A 91 -10.98 5.38 -15.32
O MSE A 91 -12.02 5.31 -15.98
CB MSE A 91 -11.30 7.67 -14.30
CG MSE A 91 -12.07 7.03 -13.10
SE MSE A 91 -10.77 6.65 -11.64
CE MSE A 91 -10.49 8.57 -11.04
N ILE A 92 -10.39 4.30 -14.82
CA ILE A 92 -10.91 2.94 -14.98
C ILE A 92 -11.39 2.46 -13.62
N GLY A 93 -12.64 2.14 -13.52
CA GLY A 93 -13.12 1.62 -12.26
C GLY A 93 -13.47 0.15 -12.44
N VAL A 94 -13.06 -0.69 -11.50
CA VAL A 94 -13.43 -2.12 -11.51
C VAL A 94 -14.50 -2.22 -10.44
N SER A 95 -15.77 -2.52 -10.81
CA SER A 95 -16.83 -2.43 -9.78
C SER A 95 -17.89 -3.46 -10.05
N VAL A 96 -18.13 -4.37 -9.10
CA VAL A 96 -19.12 -5.43 -9.28
C VAL A 96 -19.99 -5.48 -8.01
N TRP A 97 -21.10 -6.20 -8.10
CA TRP A 97 -21.99 -6.36 -6.97
C TRP A 97 -21.22 -6.93 -5.76
N ARG A 98 -21.35 -6.36 -4.55
CA ARG A 98 -22.09 -5.15 -4.22
C ARG A 98 -21.16 -4.01 -4.57
N TYR A 99 -21.67 -3.04 -5.28
CA TYR A 99 -20.95 -1.89 -5.79
C TYR A 99 -20.52 -0.95 -4.62
N LEU A 100 -19.31 -1.15 -4.09
CA LEU A 100 -18.73 -0.25 -3.05
C LEU A 100 -18.80 1.20 -3.57
N ARG A 101 -19.41 2.12 -2.82
CA ARG A 101 -19.67 3.49 -3.28
C ARG A 101 -18.44 4.21 -3.84
N ASP A 102 -17.28 4.10 -3.17
CA ASP A 102 -16.14 4.92 -3.55
C ASP A 102 -15.62 4.64 -4.95
N THR A 103 -15.71 3.39 -5.44
CA THR A 103 -15.32 3.17 -6.86
C THR A 103 -16.31 3.84 -7.78
N VAL A 104 -17.59 3.73 -7.47
CA VAL A 104 -18.62 4.38 -8.30
C VAL A 104 -18.42 5.94 -8.23
N ALA A 105 -18.08 6.46 -7.03
CA ALA A 105 -17.85 7.90 -6.83
C ALA A 105 -16.64 8.33 -7.64
N ALA A 106 -15.62 7.46 -7.77
CA ALA A 106 -14.42 7.75 -8.59
C ALA A 106 -14.83 7.90 -10.05
N LEU A 107 -15.69 6.99 -10.56
CA LEU A 107 -16.14 7.11 -11.95
C LEU A 107 -16.99 8.37 -12.11
N ALA A 108 -17.93 8.59 -11.17
CA ALA A 108 -18.80 9.76 -11.26
C ALA A 108 -18.00 11.11 -11.25
N GLY A 109 -17.00 11.20 -10.38
CA GLY A 109 -16.19 12.43 -10.24
C GLY A 109 -15.41 12.66 -11.53
N ALA A 110 -14.93 11.58 -12.18
CA ALA A 110 -14.21 11.71 -13.44
C ALA A 110 -15.15 12.17 -14.54
N ALA A 111 -16.30 11.47 -14.70
CA ALA A 111 -17.32 11.85 -15.72
C ALA A 111 -17.84 13.28 -15.53
N GLU A 112 -18.04 13.71 -14.27
CA GLU A 112 -18.47 15.09 -14.02
C GLU A 112 -17.44 16.10 -14.50
N ARG A 113 -16.15 15.72 -14.48
CA ARG A 113 -15.08 16.64 -14.84
C ARG A 113 -14.70 16.54 -16.32
N GLY A 114 -15.43 15.74 -17.09
CA GLY A 114 -15.17 15.57 -18.52
C GLY A 114 -13.96 14.70 -18.80
N VAL A 115 -13.61 13.81 -17.83
CA VAL A 115 -12.46 12.91 -17.99
C VAL A 115 -13.02 11.58 -18.48
N PRO A 116 -12.41 10.99 -19.52
CA PRO A 116 -12.86 9.66 -20.01
C PRO A 116 -12.94 8.65 -18.89
N THR A 117 -13.98 7.78 -18.94
CA THR A 117 -14.20 6.73 -17.94
C THR A 117 -14.45 5.40 -18.55
N MSE A 118 -14.09 4.34 -17.78
CA MSE A 118 -14.29 2.98 -18.24
C MSE A 118 -14.65 2.16 -17.08
O MSE A 118 -14.01 2.31 -16.04
CB MSE A 118 -12.94 2.44 -18.81
CG MSE A 118 -13.02 0.96 -19.21
SE MSE A 118 -11.33 0.35 -20.00
CE MSE A 118 -11.11 1.79 -21.22
N ALA A 119 -15.62 1.27 -17.24
CA ALA A 119 -16.01 0.37 -16.15
C ALA A 119 -15.74 -1.05 -16.55
N LEU A 120 -15.07 -1.82 -15.69
CA LEU A 120 -14.94 -3.30 -15.81
C LEU A 120 -15.93 -3.81 -14.82
N THR A 121 -17.08 -4.36 -15.24
CA THR A 121 -18.13 -4.61 -14.26
C THR A 121 -18.84 -5.96 -14.57
N ASP A 122 -19.94 -6.24 -13.87
CA ASP A 122 -20.60 -7.55 -13.96
C ASP A 122 -21.91 -7.50 -14.70
N SER A 123 -22.34 -6.31 -15.06
CA SER A 123 -23.60 -6.20 -15.80
C SER A 123 -23.49 -4.99 -16.66
N SER A 124 -24.10 -5.00 -17.85
CA SER A 124 -24.08 -3.81 -18.74
C SER A 124 -24.98 -2.68 -18.18
N VAL A 125 -25.76 -2.97 -17.17
CA VAL A 125 -26.67 -1.96 -16.63
C VAL A 125 -26.42 -1.70 -15.12
N SER A 126 -25.25 -2.07 -14.60
CA SER A 126 -24.87 -1.80 -13.21
C SER A 126 -24.66 -0.28 -12.98
N PRO A 127 -24.61 0.20 -11.71
CA PRO A 127 -24.33 1.65 -11.45
C PRO A 127 -23.03 2.17 -12.14
N PRO A 128 -21.84 1.47 -12.09
CA PRO A 128 -20.67 2.01 -12.83
C PRO A 128 -20.82 1.97 -14.36
N ALA A 129 -21.50 0.93 -14.90
CA ALA A 129 -21.74 0.84 -16.37
C ALA A 129 -22.59 2.01 -16.84
N ARG A 130 -23.56 2.39 -16.03
CA ARG A 130 -24.44 3.50 -16.45
C ARG A 130 -23.73 4.83 -16.45
N ILE A 131 -22.66 4.96 -15.69
CA ILE A 131 -21.92 6.22 -15.63
C ILE A 131 -20.82 6.22 -16.70
N ALA A 132 -20.05 5.13 -16.85
CA ALA A 132 -18.82 5.13 -17.69
C ALA A 132 -19.00 5.27 -19.20
N ASP A 133 -18.01 5.87 -19.89
CA ASP A 133 -18.08 5.99 -21.35
C ASP A 133 -17.92 4.64 -21.99
N HIS A 134 -17.02 3.81 -21.45
CA HIS A 134 -16.70 2.48 -21.98
C HIS A 134 -17.05 1.46 -20.97
N VAL A 135 -17.72 0.39 -21.39
CA VAL A 135 -18.14 -0.68 -20.44
C VAL A 135 -17.68 -2.04 -20.91
N LEU A 136 -17.10 -2.87 -20.01
CA LEU A 136 -16.69 -4.25 -20.33
C LEU A 136 -17.32 -5.08 -19.24
N VAL A 137 -17.97 -6.19 -19.60
CA VAL A 137 -18.73 -6.97 -18.61
C VAL A 137 -18.13 -8.37 -18.48
N ALA A 138 -18.10 -8.89 -17.27
CA ALA A 138 -17.65 -10.26 -17.11
C ALA A 138 -18.57 -10.98 -16.16
N ALA A 139 -18.62 -12.33 -16.31
CA ALA A 139 -19.34 -13.17 -15.37
C ALA A 139 -18.51 -13.19 -14.13
N THR A 140 -19.12 -13.17 -12.94
CA THR A 140 -18.37 -13.17 -11.66
C THR A 140 -18.85 -14.21 -10.68
N ARG A 141 -19.76 -15.07 -11.14
CA ARG A 141 -20.40 -16.06 -10.27
C ARG A 141 -19.39 -16.95 -9.59
N GLY A 142 -19.57 -17.18 -8.29
CA GLY A 142 -18.74 -18.10 -7.53
C GLY A 142 -19.58 -19.29 -7.14
N VAL A 143 -18.95 -20.35 -6.63
CA VAL A 143 -19.73 -21.52 -6.18
C VAL A 143 -20.50 -21.22 -4.87
N GLY A 144 -19.98 -20.40 -3.96
N GLY A 144 -20.01 -20.23 -4.13
CA GLY A 144 -20.68 -20.19 -2.69
CA GLY A 144 -20.57 -19.73 -2.87
C GLY A 144 -21.24 -18.80 -2.52
C GLY A 144 -20.58 -18.22 -2.81
N HIS A 145 -20.44 -17.94 -1.87
N HIS A 145 -20.67 -17.63 -1.59
CA HIS A 145 -20.69 -16.53 -1.60
CA HIS A 145 -20.70 -16.18 -1.37
C HIS A 145 -19.53 -15.71 -2.17
C HIS A 145 -19.41 -15.47 -1.87
N SER A 146 -18.28 -16.19 -1.98
CA SER A 146 -17.04 -15.57 -2.50
C SER A 146 -17.17 -15.59 -4.05
N LEU A 147 -17.37 -14.40 -4.69
CA LEU A 147 -17.49 -14.34 -6.17
C LEU A 147 -16.19 -14.78 -6.76
N SER A 148 -16.12 -14.96 -8.12
CA SER A 148 -14.84 -15.29 -8.73
C SER A 148 -14.37 -14.16 -9.67
N PRO A 149 -13.11 -13.74 -9.57
CA PRO A 149 -12.60 -12.71 -10.48
C PRO A 149 -12.08 -13.25 -11.81
N VAL A 150 -12.18 -14.59 -12.11
CA VAL A 150 -11.53 -15.14 -13.35
C VAL A 150 -12.00 -14.45 -14.62
N GLY A 151 -13.32 -14.18 -14.70
CA GLY A 151 -13.88 -13.46 -15.84
C GLY A 151 -13.25 -12.09 -16.00
N LEU A 152 -13.20 -11.32 -14.92
CA LEU A 152 -12.60 -9.96 -15.00
C LEU A 152 -11.16 -10.03 -15.40
N ILE A 153 -10.46 -11.02 -14.85
CA ILE A 153 -9.04 -11.21 -15.10
C ILE A 153 -8.81 -11.57 -16.59
N ALA A 154 -9.68 -12.38 -17.18
CA ALA A 154 -9.54 -12.72 -18.59
C ALA A 154 -9.76 -11.49 -19.46
N VAL A 155 -10.76 -10.64 -19.13
CA VAL A 155 -10.98 -9.37 -19.86
C VAL A 155 -9.68 -8.52 -19.79
N VAL A 156 -9.05 -8.40 -18.60
CA VAL A 156 -7.77 -7.62 -18.52
C VAL A 156 -6.73 -8.32 -19.43
N ASN A 157 -6.66 -9.68 -19.38
CA ASN A 157 -5.71 -10.42 -20.25
C ASN A 157 -5.91 -10.03 -21.70
N LEU A 158 -7.22 -9.89 -22.13
CA LEU A 158 -7.50 -9.49 -23.51
C LEU A 158 -7.07 -8.05 -23.77
N LEU A 159 -7.41 -7.10 -22.89
CA LEU A 159 -6.93 -5.71 -23.08
C LEU A 159 -5.38 -5.67 -23.19
N LEU A 160 -4.67 -6.37 -22.29
CA LEU A 160 -3.20 -6.36 -22.35
C LEU A 160 -2.68 -6.96 -23.65
N ALA A 161 -3.32 -8.05 -24.17
CA ALA A 161 -2.94 -8.73 -25.39
C ALA A 161 -3.12 -7.83 -26.57
N GLU A 162 -4.24 -7.06 -26.58
CA GLU A 162 -4.62 -6.11 -27.67
C GLU A 162 -3.63 -4.92 -27.70
N ILE A 163 -3.28 -4.36 -26.55
CA ILE A 163 -2.32 -3.22 -26.50
C ILE A 163 -0.93 -3.70 -26.90
N ALA A 164 -0.49 -4.87 -26.43
CA ALA A 164 0.85 -5.37 -26.78
C ALA A 164 1.03 -5.57 -28.28
N VAL A 165 -0.03 -5.95 -29.02
CA VAL A 165 0.09 -6.14 -30.47
C VAL A 165 0.12 -4.77 -31.17
N ARG A 166 -0.64 -3.77 -30.64
CA ARG A 166 -0.69 -2.43 -31.27
C ARG A 166 0.62 -1.69 -31.02
N GLU A 167 1.16 -1.81 -29.80
CA GLU A 167 2.37 -1.05 -29.41
C GLU A 167 3.49 -1.97 -28.81
N PRO A 168 4.04 -2.85 -29.66
CA PRO A 168 5.04 -3.81 -29.13
C PRO A 168 6.41 -3.15 -28.89
N GLU A 169 6.75 -2.07 -29.61
CA GLU A 169 8.02 -1.38 -29.38
C GLU A 169 8.00 -0.64 -28.03
N ARG A 170 6.88 -0.02 -27.71
CA ARG A 170 6.76 0.64 -26.40
C ARG A 170 6.91 -0.42 -25.28
N ALA A 171 6.27 -1.61 -25.41
CA ALA A 171 6.39 -2.70 -24.41
C ALA A 171 7.85 -3.22 -24.32
N LEU A 172 8.52 -3.40 -25.47
CA LEU A 172 9.88 -3.87 -25.43
C LEU A 172 10.82 -2.88 -24.76
N ALA A 173 10.63 -1.54 -24.98
CA ALA A 173 11.46 -0.48 -24.35
C ALA A 173 11.42 -0.64 -22.84
N VAL A 174 10.23 -0.96 -22.26
CA VAL A 174 10.15 -1.15 -20.81
C VAL A 174 11.03 -2.33 -20.38
N LEU A 175 10.91 -3.48 -21.10
CA LEU A 175 11.69 -4.68 -20.78
C LEU A 175 13.17 -4.38 -20.87
N ARG A 176 13.56 -3.68 -21.92
CA ARG A 176 14.97 -3.34 -22.17
C ARG A 176 15.49 -2.44 -21.03
N GLU A 177 14.67 -1.49 -20.60
CA GLU A 177 14.98 -0.57 -19.50
C GLU A 177 15.11 -1.30 -18.15
N VAL A 178 14.21 -2.25 -17.89
CA VAL A 178 14.23 -3.03 -16.64
C VAL A 178 15.56 -3.83 -16.56
N ASP A 179 15.96 -4.44 -17.69
CA ASP A 179 17.21 -5.20 -17.80
C ASP A 179 18.41 -4.27 -17.55
N ARG A 180 18.37 -3.05 -18.13
CA ARG A 180 19.42 -2.04 -18.01
C ARG A 180 19.58 -1.60 -16.55
N LEU A 181 18.45 -1.40 -15.87
CA LEU A 181 18.40 -0.98 -14.46
C LEU A 181 18.96 -2.04 -13.52
N TYR A 182 18.76 -3.35 -13.83
CA TYR A 182 19.40 -4.44 -13.09
C TYR A 182 20.93 -4.45 -13.32
N ARG A 183 21.38 -4.25 -14.59
CA ARG A 183 22.80 -4.26 -14.97
C ARG A 183 23.61 -3.10 -14.37
N GLU A 184 23.06 -1.88 -14.44
CA GLU A 184 23.75 -0.66 -14.07
C GLU A 184 23.55 -0.27 -12.62
N GLN A 185 22.34 -0.44 -12.06
CA GLN A 185 22.10 -0.02 -10.67
C GLN A 185 21.64 -1.15 -9.73
N GLY A 186 21.81 -2.41 -10.17
CA GLY A 186 21.45 -3.58 -9.37
C GLY A 186 19.97 -3.75 -9.03
N MSE A 187 19.08 -3.01 -9.73
CA MSE A 187 17.63 -3.07 -9.48
C MSE A 187 17.00 -4.29 -10.12
O MSE A 187 17.63 -5.33 -10.18
CB MSE A 187 16.91 -1.80 -9.97
CG MSE A 187 17.17 -0.58 -9.11
SE MSE A 187 16.58 0.98 -10.06
CE MSE A 187 18.11 1.37 -11.01
N GLN B 3 -8.84 -9.71 -34.38
CA GLN B 3 -10.17 -10.29 -34.62
C GLN B 3 -10.31 -11.68 -33.92
N GLN B 4 -9.22 -12.49 -33.90
CA GLN B 4 -9.30 -13.79 -33.24
C GLN B 4 -8.60 -13.76 -31.85
N LEU B 5 -8.07 -12.61 -31.44
CA LEU B 5 -7.46 -12.45 -30.13
C LEU B 5 -8.46 -12.77 -28.96
N PRO B 6 -9.74 -12.29 -28.95
CA PRO B 6 -10.64 -12.68 -27.83
C PRO B 6 -10.75 -14.20 -27.73
N VAL B 7 -10.94 -14.92 -28.86
CA VAL B 7 -11.05 -16.40 -28.81
C VAL B 7 -9.72 -17.00 -28.33
N GLN B 8 -8.57 -16.46 -28.81
N GLN B 8 -8.58 -16.52 -28.83
CA GLN B 8 -7.21 -16.90 -28.46
CA GLN B 8 -7.27 -17.07 -28.41
C GLN B 8 -6.93 -16.78 -26.97
C GLN B 8 -7.06 -16.88 -26.90
N VAL B 9 -7.29 -15.62 -26.39
CA VAL B 9 -7.06 -15.30 -24.98
C VAL B 9 -7.99 -16.16 -24.10
N PHE B 10 -9.28 -16.25 -24.45
CA PHE B 10 -10.20 -17.00 -23.58
C PHE B 10 -9.98 -18.52 -23.66
N THR B 11 -9.55 -19.01 -24.83
CA THR B 11 -9.29 -20.45 -24.97
C THR B 11 -8.05 -20.77 -24.15
N ASN B 12 -7.04 -19.93 -24.23
CA ASN B 12 -5.79 -20.11 -23.45
C ASN B 12 -6.14 -20.18 -21.95
N ASP B 13 -7.01 -19.28 -21.45
CA ASP B 13 -7.33 -19.28 -20.01
C ASP B 13 -8.20 -20.53 -19.62
N ILE B 14 -9.08 -20.99 -20.53
CA ILE B 14 -9.84 -22.24 -20.28
C ILE B 14 -8.82 -23.38 -20.15
N GLU B 15 -7.82 -23.43 -21.04
CA GLU B 15 -6.78 -24.47 -21.01
C GLU B 15 -5.94 -24.36 -19.70
N ASN B 16 -5.60 -23.14 -19.25
CA ASN B 16 -4.90 -22.92 -17.97
C ASN B 16 -5.75 -23.49 -16.83
N LEU B 17 -7.09 -23.26 -16.88
CA LEU B 17 -7.96 -23.83 -15.82
C LEU B 17 -7.96 -25.36 -15.90
N ASN B 18 -8.10 -25.91 -17.08
CA ASN B 18 -8.17 -27.37 -17.22
C ASN B 18 -6.87 -28.03 -16.75
N GLN B 19 -5.76 -27.39 -17.07
CA GLN B 19 -4.43 -27.94 -16.69
C GLN B 19 -4.23 -27.81 -15.18
N THR B 20 -4.70 -26.69 -14.62
CA THR B 20 -4.59 -26.50 -13.17
C THR B 20 -5.47 -27.58 -12.48
N LEU B 21 -6.70 -27.78 -12.97
CA LEU B 21 -7.59 -28.81 -12.38
C LEU B 21 -6.90 -30.20 -12.43
N ASN B 22 -6.28 -30.51 -13.54
CA ASN B 22 -5.58 -31.81 -13.75
C ASN B 22 -4.41 -32.04 -12.73
N GLN B 23 -3.77 -30.95 -12.31
CA GLN B 23 -2.63 -30.96 -11.36
C GLN B 23 -3.07 -30.87 -9.90
N THR B 24 -4.38 -30.65 -9.65
CA THR B 24 -4.86 -30.41 -8.26
C THR B 24 -4.96 -31.77 -7.60
N GLN B 25 -4.29 -31.92 -6.47
CA GLN B 25 -4.28 -33.19 -5.75
C GLN B 25 -5.21 -33.03 -4.55
N PRO B 26 -6.21 -33.92 -4.35
CA PRO B 26 -7.12 -33.78 -3.17
C PRO B 26 -6.36 -33.74 -1.82
N GLU B 27 -5.33 -34.60 -1.66
CA GLU B 27 -4.46 -34.66 -0.49
C GLU B 27 -3.81 -33.32 -0.21
N ALA B 28 -3.26 -32.67 -1.26
CA ALA B 28 -2.53 -31.39 -1.15
C ALA B 28 -3.46 -30.28 -0.82
N ILE B 29 -4.67 -30.25 -1.41
CA ILE B 29 -5.67 -29.20 -1.10
C ILE B 29 -6.09 -29.35 0.34
N GLU B 30 -6.29 -30.57 0.79
CA GLU B 30 -6.75 -30.85 2.15
C GLU B 30 -5.70 -30.41 3.16
N ALA B 31 -4.43 -30.79 2.94
CA ALA B 31 -3.33 -30.42 3.82
C ALA B 31 -3.12 -28.89 3.86
N ALA B 32 -3.29 -28.21 2.71
CA ALA B 32 -3.15 -26.73 2.65
C ALA B 32 -4.29 -26.02 3.39
N VAL B 33 -5.54 -26.50 3.23
CA VAL B 33 -6.68 -25.89 3.94
C VAL B 33 -6.50 -26.13 5.44
N GLU B 34 -6.09 -27.34 5.84
CA GLU B 34 -5.84 -27.59 7.27
C GLU B 34 -4.77 -26.63 7.84
N ALA B 35 -3.72 -26.36 7.06
CA ALA B 35 -2.66 -25.45 7.52
C ALA B 35 -3.18 -24.03 7.66
N ILE B 36 -3.98 -23.58 6.71
CA ILE B 36 -4.53 -22.21 6.79
C ILE B 36 -5.46 -22.10 8.01
N OCS B 37 -6.29 -23.14 8.25
CA OCS B 37 -7.24 -23.05 9.34
CB OCS B 37 -8.20 -24.23 9.18
SG OCS B 37 -9.82 -23.63 8.58
C OCS B 37 -6.54 -23.16 10.73
O OCS B 37 -7.04 -22.66 11.71
OD1 OCS B 37 -9.60 -22.98 7.25
OD2 OCS B 37 -10.73 -24.85 8.49
OD3 OCS B 37 -10.35 -22.70 9.45
N ARG B 38 -5.42 -23.89 10.80
CA ARG B 38 -4.68 -24.11 12.04
C ARG B 38 -3.87 -22.86 12.47
N ALA B 39 -3.42 -22.03 11.51
CA ALA B 39 -2.56 -20.89 11.80
C ALA B 39 -3.25 -19.84 12.70
N ASP B 40 -2.47 -19.20 13.57
CA ASP B 40 -2.99 -18.07 14.43
C ASP B 40 -3.06 -16.81 13.56
N HIS B 41 -2.20 -16.76 12.56
CA HIS B 41 -2.07 -15.64 11.64
C HIS B 41 -1.50 -16.13 10.32
N VAL B 42 -1.95 -15.53 9.23
CA VAL B 42 -1.47 -15.94 7.90
C VAL B 42 -0.82 -14.74 7.25
N ILE B 43 0.35 -14.96 6.59
CA ILE B 43 1.07 -13.89 5.85
C ILE B 43 1.07 -14.36 4.42
N VAL B 44 0.63 -13.53 3.52
CA VAL B 44 0.64 -13.88 2.08
C VAL B 44 1.58 -12.97 1.41
N VAL B 45 2.56 -13.50 0.65
CA VAL B 45 3.55 -12.66 -0.03
C VAL B 45 3.44 -12.92 -1.55
N GLY B 46 3.30 -11.88 -2.38
CA GLY B 46 3.25 -12.08 -3.83
C GLY B 46 3.69 -10.77 -4.43
N MSE B 47 4.61 -10.79 -5.41
CA MSE B 47 5.17 -9.56 -6.00
C MSE B 47 5.11 -9.53 -7.48
O MSE B 47 4.90 -10.56 -8.08
CB MSE B 47 6.65 -9.37 -5.58
CG MSE B 47 6.75 -9.22 -4.07
SE MSE B 47 8.60 -9.17 -3.60
CE MSE B 47 8.29 -9.93 -1.86
N GLY B 48 5.19 -8.36 -8.06
CA GLY B 48 5.16 -8.24 -9.52
C GLY B 48 3.89 -8.81 -10.08
N PHE B 49 3.99 -9.74 -11.02
CA PHE B 49 2.80 -10.39 -11.61
C PHE B 49 1.97 -11.05 -10.53
N SER B 50 2.65 -11.66 -9.53
CA SER B 50 1.93 -12.42 -8.49
C SER B 50 1.22 -11.54 -7.46
N ALA B 51 1.47 -10.22 -7.43
CA ALA B 51 0.83 -9.35 -6.41
C ALA B 51 -0.67 -9.49 -6.42
N ALA B 52 -1.34 -9.46 -7.59
CA ALA B 52 -2.79 -9.56 -7.70
C ALA B 52 -3.35 -10.79 -7.02
N VAL B 53 -2.62 -11.92 -7.14
CA VAL B 53 -3.04 -13.20 -6.56
C VAL B 53 -2.93 -13.12 -5.03
N ALA B 54 -1.83 -12.56 -4.53
CA ALA B 54 -1.67 -12.38 -3.06
C ALA B 54 -2.78 -11.51 -2.54
N VAL B 55 -3.12 -10.40 -3.24
CA VAL B 55 -4.19 -9.47 -2.83
C VAL B 55 -5.52 -10.24 -2.76
N PHE B 56 -5.81 -11.02 -3.82
CA PHE B 56 -7.09 -11.76 -3.85
C PHE B 56 -7.15 -12.74 -2.72
N LEU B 57 -6.09 -13.51 -2.51
CA LEU B 57 -6.07 -14.54 -1.45
C LEU B 57 -6.19 -13.91 -0.03
N GLY B 58 -5.46 -12.83 0.22
CA GLY B 58 -5.58 -12.08 1.50
C GLY B 58 -7.01 -11.64 1.73
N HIS B 59 -7.65 -11.00 0.71
CA HIS B 59 -9.01 -10.52 0.85
C HIS B 59 -9.98 -11.66 1.18
N GLY B 60 -9.80 -12.78 0.48
CA GLY B 60 -10.71 -13.90 0.64
C GLY B 60 -10.56 -14.50 2.02
N LEU B 61 -9.34 -14.69 2.48
CA LEU B 61 -9.11 -15.27 3.83
C LEU B 61 -9.62 -14.34 4.94
N ASN B 62 -9.31 -13.03 4.87
CA ASN B 62 -9.86 -12.10 5.83
C ASN B 62 -11.40 -12.11 5.80
N SER B 63 -12.01 -12.18 4.62
CA SER B 63 -13.49 -12.12 4.52
C SER B 63 -14.11 -13.44 5.06
N LEU B 64 -13.30 -14.51 5.21
CA LEU B 64 -13.80 -15.75 5.83
C LEU B 64 -13.49 -15.81 7.32
N GLY B 65 -12.83 -14.79 7.87
CA GLY B 65 -12.51 -14.77 9.30
C GLY B 65 -11.12 -15.25 9.60
N ILE B 66 -10.28 -15.41 8.58
CA ILE B 66 -8.90 -15.82 8.77
C ILE B 66 -8.03 -14.53 8.68
N ARG B 67 -7.52 -14.10 9.80
CA ARG B 67 -6.70 -12.87 9.92
C ARG B 67 -5.43 -13.07 9.10
N THR B 68 -5.24 -12.19 8.11
CA THR B 68 -4.16 -12.33 7.14
C THR B 68 -3.53 -10.99 6.79
N THR B 69 -2.21 -10.97 6.70
CA THR B 69 -1.44 -9.82 6.24
C THR B 69 -1.02 -10.04 4.79
N VAL B 70 -1.14 -9.04 3.89
CA VAL B 70 -0.70 -9.19 2.52
C VAL B 70 0.51 -8.31 2.32
N LEU B 71 1.62 -8.90 1.82
CA LEU B 71 2.78 -8.06 1.46
C LEU B 71 3.03 -8.20 -0.02
N THR B 72 3.06 -7.10 -0.76
CA THR B 72 3.28 -7.18 -2.23
C THR B 72 4.62 -6.57 -2.68
N GLU B 73 5.45 -6.23 -1.72
CA GLU B 73 6.79 -5.71 -1.96
C GLU B 73 7.74 -6.25 -0.87
N GLY B 74 9.04 -6.37 -1.17
CA GLY B 74 9.99 -6.95 -0.22
C GLY B 74 10.72 -5.94 0.63
N GLY B 75 11.99 -6.19 0.87
CA GLY B 75 12.82 -5.25 1.62
C GLY B 75 12.53 -5.17 3.11
N SER B 76 12.36 -3.90 3.58
CA SER B 76 12.20 -3.46 4.97
C SER B 76 11.09 -4.09 5.70
N THR B 77 9.85 -3.83 5.30
CA THR B 77 8.65 -4.44 5.85
C THR B 77 8.81 -5.99 5.88
N LEU B 78 9.37 -6.61 4.80
CA LEU B 78 9.51 -8.07 4.76
C LEU B 78 10.57 -8.58 5.77
N THR B 79 11.75 -7.95 5.83
CA THR B 79 12.83 -8.32 6.75
C THR B 79 12.30 -8.26 8.21
N ILE B 80 11.56 -7.16 8.53
CA ILE B 80 11.01 -6.96 9.89
C ILE B 80 9.91 -8.01 10.13
N THR B 81 9.10 -8.30 9.09
CA THR B 81 8.12 -9.37 9.20
C THR B 81 8.80 -10.69 9.55
N LEU B 82 9.91 -11.01 8.89
CA LEU B 82 10.60 -12.28 9.13
C LEU B 82 11.15 -12.29 10.52
N ALA B 83 11.71 -11.16 10.98
CA ALA B 83 12.30 -11.03 12.32
C ALA B 83 11.21 -11.26 13.38
N ASN B 84 9.92 -10.95 13.09
CA ASN B 84 8.84 -11.07 14.08
C ASN B 84 7.99 -12.32 13.93
N LEU B 85 8.36 -13.22 13.06
CA LEU B 85 7.56 -14.44 12.77
C LEU B 85 7.47 -15.30 13.99
N ARG B 86 6.32 -15.92 14.18
CA ARG B 86 6.02 -16.84 15.29
C ARG B 86 5.80 -18.25 14.71
N PRO B 87 5.99 -19.33 15.51
CA PRO B 87 5.75 -20.69 14.97
C PRO B 87 4.28 -20.94 14.63
N THR B 88 3.34 -20.13 15.21
CA THR B 88 1.90 -20.21 14.98
C THR B 88 1.44 -19.45 13.71
N ASP B 89 2.36 -18.79 12.99
CA ASP B 89 2.06 -18.14 11.72
C ASP B 89 2.04 -19.16 10.59
N LEU B 90 1.48 -18.76 9.46
CA LEU B 90 1.67 -19.52 8.24
C LEU B 90 2.16 -18.55 7.18
N MSE B 91 3.25 -18.88 6.48
CA MSE B 91 3.74 -18.01 5.38
C MSE B 91 3.32 -18.63 4.09
O MSE B 91 3.82 -19.71 3.72
CB MSE B 91 5.27 -17.90 5.47
CG MSE B 91 5.89 -17.40 4.19
SE MSE B 91 5.59 -15.44 4.14
CE MSE B 91 6.71 -14.96 5.68
N ILE B 92 2.55 -17.87 3.29
CA ILE B 92 2.13 -18.32 1.96
C ILE B 92 2.85 -17.43 0.94
N GLY B 93 3.63 -18.02 0.07
CA GLY B 93 4.26 -17.28 -1.00
C GLY B 93 3.64 -17.62 -2.36
N VAL B 94 3.24 -16.60 -3.15
CA VAL B 94 2.75 -16.76 -4.52
C VAL B 94 3.95 -16.41 -5.40
N SER B 95 4.54 -17.42 -6.07
CA SER B 95 5.82 -17.20 -6.76
C SER B 95 5.85 -18.05 -8.02
N VAL B 96 6.00 -17.39 -9.16
CA VAL B 96 6.05 -18.07 -10.47
C VAL B 96 7.18 -17.50 -11.28
N TRP B 97 7.57 -18.25 -12.35
CA TRP B 97 8.66 -17.80 -13.26
C TRP B 97 8.28 -16.43 -13.85
N ARG B 98 9.16 -15.44 -13.90
CA ARG B 98 10.53 -15.41 -13.38
C ARG B 98 10.37 -15.17 -11.89
N TYR B 99 11.00 -16.01 -11.07
CA TYR B 99 10.84 -16.01 -9.60
C TYR B 99 11.52 -14.81 -8.94
N LEU B 100 10.78 -13.77 -8.61
CA LEU B 100 11.40 -12.62 -7.96
C LEU B 100 12.01 -13.09 -6.63
N ARG B 101 13.28 -12.72 -6.33
CA ARG B 101 13.97 -13.24 -5.15
C ARG B 101 13.27 -13.00 -3.82
N ASP B 102 12.70 -11.81 -3.57
CA ASP B 102 12.16 -11.51 -2.27
C ASP B 102 11.03 -12.47 -1.80
N THR B 103 10.18 -12.98 -2.72
CA THR B 103 9.15 -13.91 -2.25
C THR B 103 9.78 -15.23 -1.86
N VAL B 104 10.75 -15.67 -2.65
CA VAL B 104 11.43 -16.93 -2.36
C VAL B 104 12.17 -16.77 -1.02
N ALA B 105 12.80 -15.59 -0.80
CA ALA B 105 13.51 -15.31 0.44
C ALA B 105 12.56 -15.32 1.67
N ALA B 106 11.29 -14.87 1.48
CA ALA B 106 10.29 -14.85 2.55
C ALA B 106 9.95 -16.30 2.91
N LEU B 107 9.86 -17.18 1.89
CA LEU B 107 9.58 -18.58 2.18
C LEU B 107 10.76 -19.23 2.88
N ALA B 108 12.00 -18.95 2.38
CA ALA B 108 13.18 -19.54 3.00
C ALA B 108 13.32 -19.09 4.45
N GLY B 109 13.16 -17.78 4.68
CA GLY B 109 13.27 -17.19 6.01
C GLY B 109 12.26 -17.83 6.95
N ALA B 110 11.04 -18.07 6.48
CA ALA B 110 10.02 -18.70 7.34
C ALA B 110 10.40 -20.19 7.61
N ALA B 111 10.83 -20.90 6.56
CA ALA B 111 11.22 -22.32 6.72
C ALA B 111 12.40 -22.50 7.70
N GLU B 112 13.42 -21.59 7.63
CA GLU B 112 14.58 -21.63 8.52
C GLU B 112 14.16 -21.40 9.96
N ARG B 113 13.10 -20.63 10.15
CA ARG B 113 12.63 -20.30 11.51
C ARG B 113 11.60 -21.36 12.03
N GLY B 114 11.38 -22.46 11.29
CA GLY B 114 10.43 -23.50 11.67
C GLY B 114 8.98 -23.07 11.59
N VAL B 115 8.66 -22.12 10.71
CA VAL B 115 7.30 -21.60 10.48
C VAL B 115 6.70 -22.32 9.26
N PRO B 116 5.47 -22.88 9.41
CA PRO B 116 4.80 -23.54 8.26
C PRO B 116 4.84 -22.67 7.02
N THR B 117 5.10 -23.28 5.89
CA THR B 117 5.12 -22.56 4.62
C THR B 117 4.26 -23.23 3.56
N MSE B 118 3.82 -22.40 2.60
CA MSE B 118 3.06 -22.89 1.47
C MSE B 118 3.41 -22.07 0.28
O MSE B 118 3.62 -20.86 0.46
CB MSE B 118 1.55 -22.68 1.78
CG MSE B 118 0.62 -23.02 0.58
SE MSE B 118 -1.26 -22.70 1.12
CE MSE B 118 -1.20 -23.68 2.70
N ALA B 119 3.53 -22.71 -0.90
CA ALA B 119 3.83 -22.00 -2.15
C ALA B 119 2.68 -22.25 -3.10
N LEU B 120 2.20 -21.17 -3.74
CA LEU B 120 1.28 -21.23 -4.87
C LEU B 120 2.17 -20.91 -6.03
N THR B 121 2.46 -21.91 -6.87
CA THR B 121 3.54 -21.76 -7.84
C THR B 121 3.18 -22.42 -9.20
N ASP B 122 4.17 -22.49 -10.14
CA ASP B 122 3.87 -22.94 -11.51
C ASP B 122 4.60 -24.25 -11.86
N SER B 123 5.29 -24.83 -10.86
CA SER B 123 6.00 -26.08 -11.07
C SER B 123 6.22 -26.75 -9.75
N SER B 124 6.12 -28.09 -9.75
CA SER B 124 6.40 -28.91 -8.54
C SER B 124 7.85 -28.81 -8.13
N VAL B 125 8.71 -28.34 -9.02
CA VAL B 125 10.13 -28.28 -8.61
C VAL B 125 10.68 -26.84 -8.75
N SER B 126 9.80 -25.84 -8.77
CA SER B 126 10.21 -24.43 -8.78
C SER B 126 11.03 -24.13 -7.51
N PRO B 127 11.83 -23.06 -7.50
CA PRO B 127 12.55 -22.71 -6.23
C PRO B 127 11.58 -22.55 -5.03
N PRO B 128 10.40 -21.87 -5.09
CA PRO B 128 9.53 -21.83 -3.92
C PRO B 128 8.91 -23.19 -3.54
N ALA B 129 8.58 -24.06 -4.53
CA ALA B 129 8.05 -25.39 -4.24
C ALA B 129 9.05 -26.25 -3.50
N ARG B 130 10.34 -26.11 -3.81
CA ARG B 130 11.34 -26.94 -3.15
C ARG B 130 11.50 -26.53 -1.68
N ILE B 131 11.17 -25.28 -1.33
CA ILE B 131 11.34 -24.85 0.06
C ILE B 131 10.10 -25.14 0.88
N ALA B 132 8.91 -24.85 0.33
CA ALA B 132 7.65 -24.89 1.07
C ALA B 132 7.20 -26.29 1.56
N ASP B 133 6.49 -26.31 2.69
CA ASP B 133 5.94 -27.57 3.24
C ASP B 133 4.77 -28.05 2.36
N HIS B 134 3.94 -27.08 1.86
CA HIS B 134 2.72 -27.33 1.08
C HIS B 134 2.90 -26.68 -0.26
N VAL B 135 2.68 -27.42 -1.35
CA VAL B 135 2.85 -26.79 -2.69
C VAL B 135 1.60 -26.93 -3.45
N LEU B 136 1.14 -25.85 -4.17
CA LEU B 136 -0.04 -26.01 -5.03
C LEU B 136 0.37 -25.45 -6.34
N VAL B 137 0.21 -26.22 -7.42
CA VAL B 137 0.74 -25.79 -8.72
C VAL B 137 -0.38 -25.38 -9.68
N ALA B 138 -0.15 -24.28 -10.41
CA ALA B 138 -1.09 -23.80 -11.41
C ALA B 138 -0.38 -23.53 -12.70
N ALA B 139 -1.14 -23.58 -13.83
CA ALA B 139 -0.68 -23.22 -15.18
C ALA B 139 -0.77 -21.72 -15.31
N THR B 140 0.20 -21.08 -15.98
CA THR B 140 0.27 -19.60 -16.04
C THR B 140 0.47 -19.07 -17.46
N ARG B 141 0.47 -19.93 -18.45
CA ARG B 141 0.70 -19.51 -19.85
C ARG B 141 -0.24 -18.38 -20.31
N GLY B 142 0.34 -17.37 -20.96
CA GLY B 142 -0.39 -16.28 -21.56
C GLY B 142 -0.22 -16.39 -23.06
N VAL B 143 -1.06 -15.70 -23.81
CA VAL B 143 -0.91 -15.74 -25.27
C VAL B 143 0.39 -14.99 -25.75
N GLY B 144 0.76 -13.96 -25.01
CA GLY B 144 1.92 -13.16 -25.38
C GLY B 144 3.20 -13.62 -24.72
N HIS B 145 3.83 -12.69 -23.99
CA HIS B 145 5.05 -12.84 -23.19
C HIS B 145 4.64 -12.65 -21.78
N SER B 146 3.40 -12.08 -21.62
CA SER B 146 2.67 -11.73 -20.42
C SER B 146 1.74 -12.89 -20.04
N LEU B 147 2.12 -13.56 -18.93
CA LEU B 147 1.47 -14.66 -18.26
C LEU B 147 0.01 -14.36 -17.84
N SER B 148 -0.70 -15.41 -17.51
CA SER B 148 -2.08 -15.27 -17.06
C SER B 148 -2.19 -15.79 -15.63
N PRO B 149 -2.82 -15.02 -14.73
CA PRO B 149 -2.98 -15.50 -13.31
C PRO B 149 -4.22 -16.31 -13.13
N VAL B 150 -4.98 -16.63 -14.22
CA VAL B 150 -6.28 -17.33 -14.03
C VAL B 150 -6.17 -18.67 -13.28
N GLY B 151 -5.17 -19.48 -13.61
CA GLY B 151 -5.04 -20.75 -12.91
C GLY B 151 -4.72 -20.54 -11.43
N LEU B 152 -3.86 -19.57 -11.10
CA LEU B 152 -3.53 -19.31 -9.67
C LEU B 152 -4.78 -18.80 -8.97
N ILE B 153 -5.54 -17.94 -9.67
CA ILE B 153 -6.81 -17.39 -9.09
C ILE B 153 -7.81 -18.54 -8.82
N ALA B 154 -7.92 -19.54 -9.70
CA ALA B 154 -8.83 -20.68 -9.51
C ALA B 154 -8.41 -21.50 -8.33
N VAL B 155 -7.09 -21.67 -8.13
CA VAL B 155 -6.59 -22.41 -6.95
C VAL B 155 -7.08 -21.66 -5.67
N VAL B 156 -6.93 -20.36 -5.65
CA VAL B 156 -7.41 -19.52 -4.48
C VAL B 156 -8.92 -19.71 -4.37
N ASN B 157 -9.67 -19.61 -5.47
CA ASN B 157 -11.14 -19.88 -5.39
C ASN B 157 -11.43 -21.20 -4.74
N LEU B 158 -10.61 -22.25 -5.09
CA LEU B 158 -10.82 -23.57 -4.49
C LEU B 158 -10.49 -23.57 -2.98
N LEU B 159 -9.36 -22.97 -2.56
CA LEU B 159 -9.09 -22.90 -1.08
C LEU B 159 -10.23 -22.17 -0.33
N LEU B 160 -10.69 -21.05 -0.87
CA LEU B 160 -11.77 -20.25 -0.22
C LEU B 160 -13.02 -21.05 -0.11
N ALA B 161 -13.34 -21.76 -1.19
CA ALA B 161 -14.54 -22.57 -1.21
C ALA B 161 -14.45 -23.68 -0.19
N GLU B 162 -13.26 -24.35 -0.07
CA GLU B 162 -13.05 -25.43 0.92
C GLU B 162 -13.14 -24.91 2.39
N ILE B 163 -12.54 -23.72 2.64
CA ILE B 163 -12.56 -23.14 4.02
C ILE B 163 -14.00 -22.74 4.35
N ALA B 164 -14.73 -22.15 3.37
CA ALA B 164 -16.11 -21.70 3.62
C ALA B 164 -17.02 -22.85 4.04
N VAL B 165 -16.83 -24.07 3.45
CA VAL B 165 -17.66 -25.22 3.81
C VAL B 165 -17.28 -25.78 5.16
N ARG B 166 -16.00 -25.70 5.50
CA ARG B 166 -15.52 -26.22 6.79
C ARG B 166 -15.97 -25.32 7.97
N GLU B 167 -15.98 -23.99 7.74
CA GLU B 167 -16.27 -23.02 8.82
C GLU B 167 -17.30 -21.97 8.37
N PRO B 168 -18.53 -22.43 8.06
CA PRO B 168 -19.55 -21.49 7.52
C PRO B 168 -20.07 -20.48 8.55
N GLU B 169 -20.05 -20.85 9.82
CA GLU B 169 -20.51 -19.91 10.83
C GLU B 169 -19.47 -18.80 11.01
N ARG B 170 -18.18 -19.10 10.94
CA ARG B 170 -17.19 -18.01 11.07
C ARG B 170 -17.31 -17.07 9.87
N ALA B 171 -17.57 -17.65 8.67
CA ALA B 171 -17.69 -16.83 7.43
C ALA B 171 -18.95 -15.90 7.56
N LEU B 172 -20.07 -16.47 8.02
CA LEU B 172 -21.29 -15.68 8.23
C LEU B 172 -21.05 -14.56 9.22
N ALA B 173 -20.34 -14.84 10.34
CA ALA B 173 -20.10 -13.85 11.39
C ALA B 173 -19.40 -12.61 10.81
N VAL B 174 -18.49 -12.81 9.85
CA VAL B 174 -17.79 -11.69 9.25
C VAL B 174 -18.77 -10.80 8.50
N LEU B 175 -19.66 -11.40 7.65
CA LEU B 175 -20.77 -10.69 6.97
C LEU B 175 -21.69 -9.96 8.02
N ARG B 176 -21.97 -10.63 9.14
CA ARG B 176 -22.87 -10.08 10.17
C ARG B 176 -22.25 -8.87 10.86
N GLU B 177 -20.92 -8.88 11.02
CA GLU B 177 -20.20 -7.79 11.68
C GLU B 177 -20.13 -6.59 10.79
N VAL B 178 -19.82 -6.85 9.49
CA VAL B 178 -19.69 -5.89 8.41
C VAL B 178 -20.99 -5.09 8.26
N ASP B 179 -22.14 -5.80 8.23
CA ASP B 179 -23.48 -5.20 8.15
C ASP B 179 -23.76 -4.33 9.37
N ARG B 180 -23.48 -4.85 10.59
CA ARG B 180 -23.63 -4.17 11.90
C ARG B 180 -22.76 -2.90 11.93
N LEU B 181 -21.52 -3.01 11.46
CA LEU B 181 -20.58 -1.89 11.40
C LEU B 181 -21.04 -0.84 10.39
N ASP C 1 8.89 39.17 4.49
CA ASP C 1 7.77 38.48 3.84
C ASP C 1 8.11 36.96 3.73
N ARG C 2 8.26 36.40 2.50
CA ARG C 2 8.62 35.01 2.19
C ARG C 2 10.04 34.60 2.73
N GLN C 3 10.93 35.59 2.92
CA GLN C 3 12.27 35.37 3.48
C GLN C 3 12.19 34.86 4.93
N GLN C 4 11.08 35.17 5.62
CA GLN C 4 10.88 34.77 7.03
C GLN C 4 10.29 33.38 7.18
N LEU C 5 9.86 32.73 6.09
CA LEU C 5 9.23 31.41 6.21
C LEU C 5 10.14 30.36 6.90
N PRO C 6 11.45 30.22 6.67
CA PRO C 6 12.21 29.19 7.43
C PRO C 6 12.11 29.43 8.94
N VAL C 7 12.29 30.65 9.39
CA VAL C 7 12.18 30.98 10.84
C VAL C 7 10.74 30.72 11.31
N GLN C 8 9.70 31.17 10.56
CA GLN C 8 8.29 30.93 10.96
C GLN C 8 7.97 29.45 11.13
N VAL C 9 8.39 28.65 10.16
CA VAL C 9 8.14 27.21 10.09
C VAL C 9 8.87 26.51 11.22
N PHE C 10 10.15 26.72 11.33
CA PHE C 10 10.94 26.04 12.35
C PHE C 10 10.53 26.50 13.76
N THR C 11 10.19 27.80 13.97
CA THR C 11 9.76 28.27 15.31
C THR C 11 8.44 27.61 15.67
N ASN C 12 7.54 27.52 14.66
CA ASN C 12 6.23 26.92 14.83
C ASN C 12 6.39 25.48 15.31
N ASP C 13 7.38 24.75 14.77
CA ASP C 13 7.56 23.34 15.17
C ASP C 13 8.23 23.23 16.54
N ILE C 14 9.12 24.19 16.91
CA ILE C 14 9.70 24.17 18.26
C ILE C 14 8.55 24.40 19.27
N GLU C 15 7.64 25.37 18.97
CA GLU C 15 6.50 25.69 19.83
C GLU C 15 5.56 24.47 19.95
N ASN C 16 5.42 23.71 18.85
CA ASN C 16 4.64 22.49 18.92
C ASN C 16 5.29 21.46 19.85
N LEU C 17 6.63 21.35 19.85
CA LEU C 17 7.33 20.43 20.75
C LEU C 17 7.18 20.87 22.18
N ASN C 18 7.35 22.17 22.43
CA ASN C 18 7.18 22.70 23.78
C ASN C 18 5.74 22.49 24.31
N GLN C 19 4.75 22.84 23.52
CA GLN C 19 3.32 22.70 23.90
C GLN C 19 2.94 21.22 24.14
N THR C 20 3.47 20.31 23.29
CA THR C 20 3.21 18.86 23.40
C THR C 20 3.90 18.35 24.65
N LEU C 21 5.16 18.76 24.89
CA LEU C 21 5.83 18.33 26.12
C LEU C 21 5.01 18.72 27.36
N ASN C 22 4.53 19.97 27.41
N ASN C 22 4.51 19.97 27.38
CA ASN C 22 3.75 20.41 28.56
CA ASN C 22 3.67 20.56 28.44
C ASN C 22 2.47 19.57 28.78
C ASN C 22 2.40 19.75 28.74
N GLN C 23 1.81 19.11 27.70
CA GLN C 23 0.57 18.31 27.75
C GLN C 23 0.81 16.83 27.97
N THR C 24 2.08 16.42 28.05
CA THR C 24 2.42 15.01 28.18
C THR C 24 2.37 14.68 29.66
N GLN C 25 1.53 13.70 30.02
CA GLN C 25 1.40 13.31 31.41
C GLN C 25 2.11 11.95 31.59
N PRO C 26 2.96 11.79 32.62
CA PRO C 26 3.70 10.52 32.78
C PRO C 26 2.78 9.32 33.03
N GLU C 27 1.69 9.50 33.83
CA GLU C 27 0.79 8.36 34.05
C GLU C 27 0.13 7.88 32.72
N ALA C 28 -0.21 8.82 31.80
CA ALA C 28 -0.86 8.47 30.55
C ALA C 28 0.17 7.81 29.62
N ILE C 29 1.43 8.31 29.58
CA ILE C 29 2.43 7.61 28.76
C ILE C 29 2.67 6.18 29.30
N GLU C 30 2.76 6.07 30.63
CA GLU C 30 3.01 4.77 31.25
C GLU C 30 1.86 3.77 30.93
N ALA C 31 0.60 4.17 31.11
CA ALA C 31 -0.53 3.30 30.80
C ALA C 31 -0.53 2.97 29.29
N ALA C 32 -0.17 3.95 28.41
CA ALA C 32 -0.14 3.73 26.93
C ALA C 32 0.89 2.65 26.56
N VAL C 33 2.12 2.75 27.16
CA VAL C 33 3.16 1.78 26.89
C VAL C 33 2.77 0.39 27.44
N GLU C 34 2.20 0.33 28.63
CA GLU C 34 1.78 -0.96 29.19
C GLU C 34 0.73 -1.64 28.27
N ALA C 35 -0.21 -0.87 27.70
CA ALA C 35 -1.25 -1.42 26.82
C ALA C 35 -0.63 -1.88 25.50
N ILE C 36 0.39 -1.15 24.99
CA ILE C 36 1.03 -1.57 23.73
C ILE C 36 1.79 -2.88 23.97
N OCS C 37 2.52 -2.98 25.08
CA OCS C 37 3.26 -4.22 25.41
CB OCS C 37 4.07 -3.92 26.66
SG OCS C 37 5.75 -3.45 26.18
C OCS C 37 2.37 -5.42 25.71
O OCS C 37 2.75 -6.55 25.36
OD1 OCS C 37 5.73 -2.28 25.24
OD2 OCS C 37 6.36 -4.61 25.51
OD3 OCS C 37 6.52 -3.15 27.35
N ARG C 38 1.21 -5.20 26.39
CA ARG C 38 0.24 -6.25 26.78
C ARG C 38 -0.53 -6.84 25.59
N ALA C 39 -0.78 -6.03 24.56
CA ALA C 39 -1.48 -6.56 23.36
C ALA C 39 -0.77 -7.79 22.73
N ASP C 40 -1.58 -8.66 22.14
CA ASP C 40 -1.02 -9.78 21.38
C ASP C 40 -0.82 -9.26 19.95
N HIS C 41 -1.57 -8.20 19.56
CA HIS C 41 -1.42 -7.58 18.23
C HIS C 41 -1.85 -6.13 18.32
N VAL C 42 -1.16 -5.24 17.61
CA VAL C 42 -1.51 -3.82 17.63
C VAL C 42 -2.01 -3.44 16.26
N ILE C 43 -3.10 -2.67 16.20
CA ILE C 43 -3.59 -2.16 14.91
C ILE C 43 -3.48 -0.62 14.96
N VAL C 44 -2.81 -0.01 13.99
CA VAL C 44 -2.68 1.46 13.96
C VAL C 44 -3.46 1.96 12.79
N VAL C 45 -4.37 2.92 13.03
CA VAL C 45 -5.22 3.54 12.00
C VAL C 45 -4.97 5.04 11.94
N GLY C 46 -4.69 5.53 10.75
CA GLY C 46 -4.40 6.95 10.58
C GLY C 46 -4.59 7.29 9.14
N MSE C 47 -5.53 8.19 8.83
CA MSE C 47 -5.84 8.53 7.46
C MSE C 47 -5.60 10.00 7.12
O MSE C 47 -5.65 10.82 8.00
CB MSE C 47 -7.31 8.24 7.21
CG MSE C 47 -7.69 6.82 7.46
SE MSE C 47 -9.59 6.85 7.21
CE MSE C 47 -9.60 7.10 5.20
N GLY C 48 -5.44 10.29 5.82
CA GLY C 48 -5.21 11.64 5.31
C GLY C 48 -3.93 12.22 5.88
N PHE C 49 -3.99 13.43 6.43
CA PHE C 49 -2.85 14.05 7.10
C PHE C 49 -2.17 13.10 8.15
N SER C 50 -2.98 12.31 8.91
CA SER C 50 -2.50 11.43 10.00
C SER C 50 -1.79 10.15 9.50
N ALA C 51 -1.94 9.83 8.21
CA ALA C 51 -1.38 8.59 7.65
C ALA C 51 0.10 8.51 7.94
N ALA C 52 0.86 9.60 7.71
CA ALA C 52 2.34 9.56 7.95
C ALA C 52 2.69 9.20 9.41
N VAL C 53 1.91 9.71 10.37
CA VAL C 53 2.14 9.41 11.79
C VAL C 53 1.86 7.90 12.06
N ALA C 54 0.76 7.39 11.51
CA ALA C 54 0.43 5.96 11.63
C ALA C 54 1.57 5.10 11.07
N VAL C 55 2.06 5.46 9.90
CA VAL C 55 3.12 4.71 9.21
C VAL C 55 4.40 4.75 10.12
N PHE C 56 4.72 5.93 10.68
CA PHE C 56 5.91 6.00 11.52
C PHE C 56 5.77 5.14 12.79
N LEU C 57 4.62 5.24 13.42
CA LEU C 57 4.37 4.47 14.64
C LEU C 57 4.41 2.93 14.36
N GLY C 58 3.81 2.50 13.24
CA GLY C 58 3.81 1.08 12.95
C GLY C 58 5.20 0.56 12.71
N HIS C 59 6.02 1.33 11.96
CA HIS C 59 7.41 0.98 11.70
C HIS C 59 8.19 0.85 13.00
N GLY C 60 8.06 1.84 13.88
CA GLY C 60 8.81 1.90 15.14
C GLY C 60 8.44 0.69 15.98
N LEU C 61 7.13 0.42 16.14
CA LEU C 61 6.63 -0.74 16.91
C LEU C 61 7.14 -2.03 16.33
N ASN C 62 6.97 -2.21 15.03
CA ASN C 62 7.43 -3.44 14.41
C ASN C 62 8.92 -3.59 14.61
N SER C 63 9.65 -2.50 14.47
CA SER C 63 11.11 -2.53 14.61
C SER C 63 11.56 -2.94 16.04
N LEU C 64 10.69 -2.77 17.06
CA LEU C 64 11.00 -3.13 18.44
C LEU C 64 10.47 -4.51 18.80
N GLY C 65 9.82 -5.18 17.85
CA GLY C 65 9.33 -6.52 18.09
C GLY C 65 7.88 -6.53 18.50
N ILE C 66 7.18 -5.43 18.30
CA ILE C 66 5.75 -5.40 18.57
C ILE C 66 5.01 -5.50 17.25
N ARG C 67 4.40 -6.67 17.01
CA ARG C 67 3.72 -7.02 15.74
C ARG C 67 2.57 -6.09 15.53
N THR C 68 2.65 -5.28 14.49
CA THR C 68 1.69 -4.21 14.27
C THR C 68 1.21 -4.16 12.81
N THR C 69 -0.12 -4.03 12.63
CA THR C 69 -0.71 -3.79 11.31
C THR C 69 -0.99 -2.31 11.18
N VAL C 70 -0.69 -1.72 10.02
CA VAL C 70 -0.95 -0.28 9.81
C VAL C 70 -1.99 -0.11 8.71
N LEU C 71 -3.13 0.61 8.99
CA LEU C 71 -4.16 0.89 7.97
C LEU C 71 -4.25 2.40 7.78
N THR C 72 -4.02 2.89 6.55
CA THR C 72 -4.02 4.32 6.24
C THR C 72 -5.22 4.77 5.37
N GLU C 73 -6.12 3.83 5.12
CA GLU C 73 -7.37 4.09 4.41
C GLU C 73 -8.53 3.33 5.12
N GLY C 74 -9.74 3.80 4.94
CA GLY C 74 -10.89 3.17 5.55
C GLY C 74 -11.43 2.06 4.68
N GLY C 75 -12.73 2.16 4.46
CA GLY C 75 -13.48 1.23 3.63
C GLY C 75 -13.54 -0.20 4.13
N SER C 76 -13.77 -1.12 3.18
CA SER C 76 -13.95 -2.56 3.40
C SER C 76 -12.78 -3.19 4.14
N THR C 77 -11.52 -2.84 3.80
CA THR C 77 -10.32 -3.41 4.47
C THR C 77 -10.34 -3.12 6.01
N LEU C 78 -10.63 -1.87 6.37
CA LEU C 78 -10.78 -1.45 7.76
C LEU C 78 -12.04 -2.12 8.36
N THR C 79 -13.13 -2.17 7.59
CA THR C 79 -14.37 -2.77 8.10
C THR C 79 -14.16 -4.27 8.37
N ILE C 80 -13.40 -4.96 7.51
CA ILE C 80 -13.19 -6.39 7.74
C ILE C 80 -12.20 -6.55 8.92
N THR C 81 -11.25 -5.64 9.10
CA THR C 81 -10.36 -5.71 10.27
C THR C 81 -11.20 -5.65 11.54
N LEU C 82 -12.14 -4.68 11.59
CA LEU C 82 -13.03 -4.48 12.73
C LEU C 82 -13.86 -5.74 12.97
N ALA C 83 -14.36 -6.40 11.89
CA ALA C 83 -15.14 -7.65 12.02
C ALA C 83 -14.28 -8.81 12.61
N ASN C 84 -12.92 -8.74 12.52
CA ASN C 84 -12.08 -9.85 12.97
C ASN C 84 -11.33 -9.56 14.25
N LEU C 85 -11.67 -8.48 14.94
CA LEU C 85 -11.03 -8.10 16.18
C LEU C 85 -11.10 -9.21 17.25
N ARG C 86 -10.03 -9.27 18.05
CA ARG C 86 -9.89 -10.14 19.21
C ARG C 86 -9.84 -9.29 20.46
N PRO C 87 -10.20 -9.86 21.63
CA PRO C 87 -10.09 -9.10 22.89
C PRO C 87 -8.63 -8.67 23.20
N THR C 88 -7.64 -9.45 22.69
CA THR C 88 -6.19 -9.27 22.88
C THR C 88 -5.56 -8.25 21.90
N ASP C 89 -6.34 -7.70 20.98
CA ASP C 89 -5.78 -6.66 20.10
C ASP C 89 -5.72 -5.34 20.83
N LEU C 90 -5.02 -4.37 20.24
CA LEU C 90 -5.04 -2.98 20.71
C LEU C 90 -5.31 -2.13 19.50
N MSE C 91 -6.30 -1.27 19.54
CA MSE C 91 -6.61 -0.41 18.40
C MSE C 91 -6.08 1.02 18.66
O MSE C 91 -6.54 1.71 19.56
CB MSE C 91 -8.13 -0.41 18.12
CG MSE C 91 -8.61 0.72 17.22
SE MSE C 91 -8.07 0.43 15.40
CE MSE C 91 -9.08 -1.19 15.05
N ILE C 92 -5.13 1.49 17.85
CA ILE C 92 -4.60 2.86 17.99
C ILE C 92 -5.07 3.68 16.82
N GLY C 93 -5.77 4.77 17.11
CA GLY C 93 -6.27 5.68 16.10
C GLY C 93 -5.53 7.00 16.15
N VAL C 94 -4.94 7.42 15.01
CA VAL C 94 -4.28 8.74 14.98
C VAL C 94 -5.28 9.64 14.32
N SER C 95 -5.87 10.57 15.06
CA SER C 95 -6.98 11.32 14.48
C SER C 95 -6.98 12.79 15.00
N VAL C 96 -6.86 13.72 14.08
CA VAL C 96 -6.83 15.14 14.39
C VAL C 96 -7.84 15.86 13.49
N TRP C 97 -8.20 17.11 13.84
CA TRP C 97 -9.14 17.93 13.06
C TRP C 97 -8.55 18.12 11.66
N ARG C 98 -9.30 17.93 10.55
CA ARG C 98 -10.68 17.51 10.40
C ARG C 98 -10.72 15.98 10.57
N TYR C 99 -11.42 15.54 11.60
CA TYR C 99 -11.53 14.16 12.06
C TYR C 99 -12.24 13.29 11.02
N LEU C 100 -11.48 12.68 10.09
CA LEU C 100 -12.10 11.76 9.09
C LEU C 100 -12.83 10.67 9.86
N ARG C 101 -14.13 10.43 9.52
CA ARG C 101 -15.00 9.54 10.27
C ARG C 101 -14.53 8.10 10.34
N ASP C 102 -13.90 7.55 9.29
CA ASP C 102 -13.50 6.13 9.31
C ASP C 102 -12.55 5.81 10.51
N THR C 103 -11.62 6.70 10.90
CA THR C 103 -10.72 6.44 12.05
C THR C 103 -11.52 6.50 13.35
N VAL C 104 -12.39 7.49 13.48
CA VAL C 104 -13.23 7.63 14.67
C VAL C 104 -14.16 6.37 14.77
N ALA C 105 -14.73 5.88 13.63
CA ALA C 105 -15.58 4.70 13.64
C ALA C 105 -14.76 3.42 14.01
N ALA C 106 -13.48 3.37 13.66
CA ALA C 106 -12.61 2.23 13.98
C ALA C 106 -12.46 2.18 15.49
N LEU C 107 -12.22 3.35 16.11
CA LEU C 107 -12.13 3.45 17.57
C LEU C 107 -13.47 3.10 18.18
N ALA C 108 -14.58 3.64 17.63
CA ALA C 108 -15.92 3.36 18.23
C ALA C 108 -16.23 1.87 18.15
N GLY C 109 -15.90 1.24 17.00
CA GLY C 109 -16.13 -0.19 16.74
C GLY C 109 -15.34 -1.05 17.69
N ALA C 110 -14.06 -0.75 17.90
CA ALA C 110 -13.23 -1.51 18.84
C ALA C 110 -13.79 -1.35 20.28
N ALA C 111 -14.10 -0.10 20.73
CA ALA C 111 -14.54 0.18 22.10
C ALA C 111 -15.83 -0.54 22.43
N GLU C 112 -16.77 -0.59 21.45
CA GLU C 112 -18.05 -1.26 21.61
C GLU C 112 -17.85 -2.73 21.93
N ARG C 113 -16.79 -3.34 21.31
CA ARG C 113 -16.51 -4.78 21.40
C ARG C 113 -15.61 -5.06 22.59
N GLY C 114 -15.38 -4.05 23.42
CA GLY C 114 -14.51 -4.15 24.61
C GLY C 114 -13.03 -4.35 24.31
N VAL C 115 -12.58 -3.95 23.09
CA VAL C 115 -11.18 -4.04 22.67
C VAL C 115 -10.46 -2.79 23.13
N PRO C 116 -9.25 -2.90 23.78
CA PRO C 116 -8.50 -1.70 24.20
C PRO C 116 -8.31 -0.71 23.06
N THR C 117 -8.50 0.59 23.35
CA THR C 117 -8.35 1.66 22.38
C THR C 117 -7.43 2.76 22.84
N MSE C 118 -6.77 3.37 21.88
CA MSE C 118 -5.89 4.53 22.19
C MSE C 118 -6.03 5.54 21.08
O MSE C 118 -6.10 5.14 19.92
CB MSE C 118 -4.42 4.04 22.28
CG MSE C 118 -3.40 5.15 22.42
SE MSE C 118 -1.56 4.41 22.49
CE MSE C 118 -1.94 3.11 23.86
N ALA C 119 -6.04 6.82 21.42
CA ALA C 119 -6.12 7.91 20.45
C ALA C 119 -4.92 8.80 20.56
N LEU C 120 -4.26 9.06 19.41
CA LEU C 120 -3.19 10.06 19.32
C LEU C 120 -3.87 11.21 18.62
N THR C 121 -4.13 12.30 19.35
CA THR C 121 -5.05 13.31 18.86
C THR C 121 -4.57 14.71 19.19
N ASP C 122 -5.40 15.70 18.87
CA ASP C 122 -5.02 17.12 19.01
C ASP C 122 -5.77 17.91 20.13
N SER C 123 -6.66 17.25 20.89
CA SER C 123 -7.45 17.85 21.96
C SER C 123 -7.92 16.74 22.88
N SER C 124 -7.91 16.97 24.19
CA SER C 124 -8.40 15.97 25.15
C SER C 124 -9.92 15.81 25.05
N VAL C 125 -10.61 16.68 24.27
CA VAL C 125 -12.08 16.58 24.16
C VAL C 125 -12.50 16.34 22.71
N SER C 126 -11.55 15.95 21.84
CA SER C 126 -11.85 15.63 20.45
C SER C 126 -12.76 14.38 20.32
N PRO C 127 -13.47 14.16 19.17
CA PRO C 127 -14.28 12.93 19.01
C PRO C 127 -13.50 11.60 19.32
N PRO C 128 -12.25 11.40 18.84
CA PRO C 128 -11.54 10.15 19.19
C PRO C 128 -11.09 10.09 20.67
N ALA C 129 -10.70 11.24 21.26
CA ALA C 129 -10.37 11.30 22.69
C ALA C 129 -11.59 10.87 23.60
N ARG C 130 -12.81 11.27 23.19
CA ARG C 130 -14.00 10.92 23.97
C ARG C 130 -14.32 9.42 23.88
N ILE C 131 -13.82 8.71 22.87
CA ILE C 131 -14.12 7.27 22.68
C ILE C 131 -13.06 6.36 23.32
N ALA C 132 -11.77 6.71 23.18
CA ALA C 132 -10.61 5.87 23.53
C ALA C 132 -10.27 5.76 25.02
N ASP C 133 -9.79 4.59 25.44
CA ASP C 133 -9.35 4.34 26.82
C ASP C 133 -8.13 5.14 27.12
N HIS C 134 -7.16 5.21 26.16
CA HIS C 134 -5.90 5.98 26.33
C HIS C 134 -5.90 7.17 25.37
N VAL C 135 -5.62 8.38 25.90
CA VAL C 135 -5.57 9.59 25.07
C VAL C 135 -4.24 10.32 25.20
N LEU C 136 -3.58 10.58 24.08
CA LEU C 136 -2.33 11.33 24.08
C LEU C 136 -2.55 12.47 23.16
N VAL C 137 -2.28 13.68 23.66
CA VAL C 137 -2.54 14.87 22.88
C VAL C 137 -1.24 15.54 22.47
N ALA C 138 -1.23 16.06 21.25
CA ALA C 138 -0.09 16.84 20.74
C ALA C 138 -0.59 18.13 20.06
N ALA C 139 0.27 19.16 20.02
CA ALA C 139 -0.07 20.40 19.31
C ALA C 139 0.20 20.14 17.82
N THR C 140 -0.67 20.62 16.93
CA THR C 140 -0.58 20.31 15.48
C THR C 140 -0.56 21.54 14.61
N ARG C 141 -0.54 22.73 15.22
CA ARG C 141 -0.54 24.01 14.51
C ARG C 141 0.56 24.06 13.42
N GLY C 142 0.18 24.51 12.23
CA GLY C 142 1.08 24.75 11.10
C GLY C 142 1.03 26.23 10.81
N VAL C 143 1.99 26.75 10.05
CA VAL C 143 2.00 28.18 9.74
C VAL C 143 0.81 28.56 8.81
N GLY C 144 0.29 27.58 8.08
CA GLY C 144 -0.85 27.73 7.18
C GLY C 144 -1.87 26.59 7.26
N HIS C 145 -2.55 26.32 6.15
CA HIS C 145 -3.56 25.28 6.08
C HIS C 145 -2.96 23.87 6.24
N SER C 146 -1.74 23.61 5.71
CA SER C 146 -1.08 22.32 5.96
C SER C 146 -0.66 22.26 7.45
N LEU C 147 -1.30 21.36 8.28
CA LEU C 147 -0.93 21.22 9.71
C LEU C 147 0.48 20.66 9.82
N SER C 148 1.02 20.54 11.05
CA SER C 148 2.34 19.97 11.25
C SER C 148 2.24 18.74 12.13
N PRO C 149 2.80 17.58 11.69
CA PRO C 149 2.71 16.36 12.53
C PRO C 149 3.89 16.25 13.51
N VAL C 150 4.70 17.29 13.62
CA VAL C 150 5.92 17.23 14.48
C VAL C 150 5.57 16.84 15.92
N GLY C 151 4.55 17.47 16.54
CA GLY C 151 4.18 17.15 17.92
C GLY C 151 3.73 15.69 18.03
N LEU C 152 2.91 15.21 17.12
CA LEU C 152 2.46 13.81 17.14
C LEU C 152 3.65 12.83 16.97
N ILE C 153 4.57 13.15 16.08
CA ILE C 153 5.77 12.32 15.82
C ILE C 153 6.60 12.27 17.13
N ALA C 154 6.69 13.39 17.87
CA ALA C 154 7.51 13.36 19.09
C ALA C 154 6.87 12.51 20.18
N VAL C 155 5.50 12.49 20.24
CA VAL C 155 4.83 11.59 21.16
C VAL C 155 5.22 10.13 20.79
N VAL C 156 5.21 9.80 19.52
CA VAL C 156 5.58 8.43 19.01
C VAL C 156 7.03 8.21 19.46
N ASN C 157 7.90 9.21 19.26
CA ASN C 157 9.34 9.04 19.63
C ASN C 157 9.43 8.65 21.11
N LEU C 158 8.65 9.32 21.96
CA LEU C 158 8.61 9.02 23.41
C LEU C 158 8.10 7.59 23.62
N LEU C 159 6.96 7.20 23.00
CA LEU C 159 6.49 5.81 23.15
C LEU C 159 7.59 4.79 22.77
N LEU C 160 8.26 4.99 21.61
CA LEU C 160 9.27 4.02 21.17
C LEU C 160 10.45 3.97 22.15
N ALA C 161 10.89 5.14 22.68
CA ALA C 161 12.01 5.20 23.62
C ALA C 161 11.65 4.48 24.93
N GLU C 162 10.38 4.62 25.36
CA GLU C 162 9.88 4.00 26.59
C GLU C 162 9.81 2.47 26.39
N ILE C 163 9.38 2.02 25.20
CA ILE C 163 9.29 0.58 24.92
C ILE C 163 10.67 -0.02 24.89
N ALA C 164 11.61 0.63 24.15
CA ALA C 164 12.99 0.19 24.02
C ALA C 164 13.68 0.00 25.38
N VAL C 165 13.39 0.87 26.36
CA VAL C 165 14.00 0.77 27.69
C VAL C 165 13.31 -0.38 28.47
N ARG C 166 12.00 -0.63 28.23
CA ARG C 166 11.27 -1.71 28.92
C ARG C 166 11.69 -3.11 28.43
N GLU C 167 11.85 -3.26 27.11
CA GLU C 167 12.17 -4.55 26.47
C GLU C 167 13.42 -4.41 25.58
N PRO C 168 14.60 -4.10 26.18
CA PRO C 168 15.81 -3.92 25.38
C PRO C 168 16.28 -5.19 24.62
N GLU C 169 16.10 -6.39 25.21
CA GLU C 169 16.51 -7.67 24.61
C GLU C 169 15.76 -7.98 23.30
N ARG C 170 14.42 -7.76 23.29
CA ARG C 170 13.56 -8.01 22.13
C ARG C 170 13.92 -7.05 20.98
N ALA C 171 14.10 -5.75 21.31
CA ALA C 171 14.43 -4.66 20.37
C ALA C 171 15.78 -4.92 19.64
N LEU C 172 16.80 -5.33 20.40
CA LEU C 172 18.14 -5.63 19.87
C LEU C 172 18.11 -6.87 18.96
N ALA C 173 17.35 -7.92 19.35
CA ALA C 173 17.21 -9.14 18.56
C ALA C 173 16.59 -8.81 17.20
N VAL C 174 15.56 -7.92 17.15
CA VAL C 174 14.93 -7.52 15.90
C VAL C 174 15.91 -6.69 15.09
N LEU C 175 16.68 -5.78 15.75
CA LEU C 175 17.67 -4.93 15.08
C LEU C 175 18.77 -5.77 14.47
N ARG C 176 19.25 -6.82 15.21
CA ARG C 176 20.30 -7.75 14.72
C ARG C 176 19.78 -8.51 13.55
N GLU C 177 18.61 -9.20 13.73
CA GLU C 177 17.95 -9.99 12.70
C GLU C 177 17.75 -9.14 11.44
N VAL C 178 17.20 -7.92 11.59
CA VAL C 178 16.92 -6.97 10.50
C VAL C 178 18.25 -6.63 9.80
N ASP C 179 19.29 -6.23 10.55
CA ASP C 179 20.63 -5.95 9.98
C ASP C 179 21.20 -7.21 9.22
N ARG C 180 21.10 -8.40 9.83
CA ARG C 180 21.56 -9.68 9.26
C ARG C 180 20.82 -10.04 7.96
N LEU C 181 19.48 -9.74 7.88
CA LEU C 181 18.71 -10.01 6.66
C LEU C 181 19.08 -8.97 5.57
N TYR C 182 19.31 -7.68 5.99
CA TYR C 182 19.74 -6.61 5.06
C TYR C 182 21.14 -6.90 4.49
N ARG C 183 22.04 -7.48 5.33
CA ARG C 183 23.40 -7.85 4.94
C ARG C 183 23.30 -8.95 3.86
N GLU C 184 22.59 -10.06 4.21
CA GLU C 184 22.25 -11.23 3.40
C GLU C 184 21.74 -10.83 2.01
N GLN C 185 20.68 -9.97 1.98
CA GLN C 185 20.01 -9.47 0.78
C GLN C 185 20.57 -8.11 0.37
N ARG D 2 14.59 7.43 33.88
CA ARG D 2 13.40 7.14 33.07
C ARG D 2 12.35 8.27 33.17
N GLN D 3 12.26 8.97 34.31
CA GLN D 3 11.34 10.09 34.51
C GLN D 3 11.83 11.31 33.68
N GLN D 4 13.08 11.25 33.21
CA GLN D 4 13.71 12.29 32.39
C GLN D 4 13.47 12.04 30.92
N LEU D 5 12.98 10.85 30.58
CA LEU D 5 12.80 10.39 29.19
C LEU D 5 11.88 11.39 28.40
N PRO D 6 10.74 11.91 28.91
CA PRO D 6 9.99 12.89 28.11
C PRO D 6 10.82 14.16 27.81
N VAL D 7 11.46 14.75 28.81
CA VAL D 7 12.30 15.93 28.55
C VAL D 7 13.47 15.59 27.58
N GLN D 8 14.12 14.43 27.73
CA GLN D 8 15.23 14.04 26.84
C GLN D 8 14.78 13.94 25.40
N VAL D 9 13.65 13.26 25.19
CA VAL D 9 13.09 13.02 23.85
C VAL D 9 12.74 14.34 23.19
N PHE D 10 12.02 15.21 23.90
CA PHE D 10 11.58 16.48 23.33
C PHE D 10 12.75 17.43 23.18
N THR D 11 13.70 17.41 24.14
CA THR D 11 14.85 18.30 24.00
C THR D 11 15.59 17.85 22.73
N ASN D 12 15.83 16.54 22.58
CA ASN D 12 16.53 16.00 21.40
C ASN D 12 15.86 16.46 20.08
N ASP D 13 14.52 16.40 20.02
CA ASP D 13 13.80 16.80 18.78
C ASP D 13 13.94 18.33 18.54
N ILE D 14 14.11 19.12 19.61
CA ILE D 14 14.37 20.55 19.45
C ILE D 14 15.78 20.72 18.82
N GLU D 15 16.81 19.97 19.27
CA GLU D 15 18.15 20.06 18.67
C GLU D 15 18.09 19.60 17.24
N ASN D 16 17.25 18.59 16.91
CA ASN D 16 17.13 18.14 15.52
C ASN D 16 16.63 19.30 14.64
N LEU D 17 15.62 20.02 15.11
CA LEU D 17 15.06 21.17 14.41
C LEU D 17 16.12 22.25 14.27
N ASN D 18 16.97 22.46 15.33
CA ASN D 18 18.01 23.46 15.23
C ASN D 18 19.08 23.13 14.23
N GLN D 19 19.59 21.87 14.24
CA GLN D 19 20.64 21.49 13.30
C GLN D 19 20.08 21.61 11.90
N THR D 20 18.79 21.29 11.74
CA THR D 20 18.14 21.32 10.41
C THR D 20 18.00 22.78 9.96
N LEU D 21 17.51 23.65 10.85
CA LEU D 21 17.36 25.08 10.53
C LEU D 21 18.75 25.67 10.16
N ASN D 22 19.78 25.34 10.94
CA ASN D 22 21.14 25.80 10.70
C ASN D 22 21.64 25.50 9.29
N GLN D 23 21.40 24.29 8.80
CA GLN D 23 21.82 23.76 7.50
C GLN D 23 20.83 24.10 6.36
N THR D 24 19.73 24.85 6.67
CA THR D 24 18.75 25.24 5.67
C THR D 24 19.33 26.44 4.91
N GLN D 25 19.44 26.34 3.58
CA GLN D 25 19.99 27.40 2.76
C GLN D 25 18.86 28.04 1.90
N PRO D 26 18.59 29.38 1.97
CA PRO D 26 17.51 29.98 1.14
C PRO D 26 17.59 29.64 -0.35
N GLU D 27 18.82 29.61 -0.92
CA GLU D 27 19.03 29.26 -2.32
C GLU D 27 18.64 27.82 -2.56
N ALA D 28 18.99 26.91 -1.65
CA ALA D 28 18.70 25.47 -1.88
C ALA D 28 17.19 25.20 -1.81
N ILE D 29 16.52 25.92 -0.89
CA ILE D 29 15.08 25.80 -0.73
C ILE D 29 14.36 26.35 -1.96
N GLU D 30 14.75 27.53 -2.45
CA GLU D 30 14.11 28.17 -3.61
C GLU D 30 14.30 27.30 -4.84
N ALA D 31 15.50 26.70 -5.03
CA ALA D 31 15.71 25.89 -6.21
C ALA D 31 14.92 24.57 -6.10
N ALA D 32 14.77 24.03 -4.88
CA ALA D 32 14.03 22.76 -4.73
C ALA D 32 12.54 23.02 -4.96
N VAL D 33 12.03 24.18 -4.47
CA VAL D 33 10.62 24.56 -4.63
C VAL D 33 10.33 24.81 -6.13
N GLU D 34 11.22 25.52 -6.86
CA GLU D 34 11.01 25.75 -8.31
C GLU D 34 10.99 24.42 -9.08
N ALA D 35 11.88 23.49 -8.73
CA ALA D 35 11.90 22.16 -9.36
C ALA D 35 10.56 21.41 -9.09
N ILE D 36 10.05 21.47 -7.86
CA ILE D 36 8.77 20.80 -7.53
C ILE D 36 7.66 21.39 -8.39
N OCS D 37 7.63 22.76 -8.54
CA OCS D 37 6.55 23.40 -9.29
CB OCS D 37 6.62 24.90 -9.01
SG OCS D 37 5.27 25.37 -7.89
C OCS D 37 6.63 23.21 -10.80
O OCS D 37 5.62 23.14 -11.50
OD1 OCS D 37 5.26 24.49 -6.68
OD2 OCS D 37 5.48 26.80 -7.47
OD3 OCS D 37 4.04 25.23 -8.62
N ARG D 38 7.85 23.14 -11.31
CA ARG D 38 7.98 23.01 -12.76
C ARG D 38 7.73 21.57 -13.27
N ALA D 39 7.88 20.54 -12.41
CA ALA D 39 7.66 19.12 -12.77
C ALA D 39 6.22 18.85 -13.27
N ASP D 40 6.02 17.96 -14.27
CA ASP D 40 4.65 17.68 -14.68
C ASP D 40 4.09 16.56 -13.76
N HIS D 41 5.01 15.83 -13.10
CA HIS D 41 4.64 14.77 -12.17
C HIS D 41 5.77 14.58 -11.17
N VAL D 42 5.41 14.34 -9.89
CA VAL D 42 6.43 14.17 -8.86
C VAL D 42 6.39 12.73 -8.34
N ILE D 43 7.60 12.11 -8.21
CA ILE D 43 7.71 10.75 -7.66
C ILE D 43 8.47 10.88 -6.37
N VAL D 44 7.91 10.40 -5.24
CA VAL D 44 8.63 10.44 -3.96
C VAL D 44 8.90 9.03 -3.54
N VAL D 45 10.15 8.69 -3.24
CA VAL D 45 10.55 7.34 -2.82
C VAL D 45 11.17 7.41 -1.39
N GLY D 46 10.66 6.66 -0.44
CA GLY D 46 11.22 6.63 0.90
C GLY D 46 10.90 5.28 1.47
N MSE D 47 11.91 4.54 2.01
CA MSE D 47 11.65 3.19 2.52
C MSE D 47 12.09 3.01 3.95
O MSE D 47 12.94 3.75 4.42
CB MSE D 47 12.39 2.15 1.65
CG MSE D 47 12.03 2.19 0.21
SE MSE D 47 13.30 1.03 -0.69
CE MSE D 47 12.82 -0.67 0.25
N GLY D 48 11.55 2.00 4.63
CA GLY D 48 11.92 1.75 6.03
C GLY D 48 11.57 2.96 6.86
N PHE D 49 12.49 3.43 7.76
CA PHE D 49 12.29 4.63 8.60
C PHE D 49 11.81 5.84 7.75
N SER D 50 12.32 5.96 6.53
CA SER D 50 12.00 7.09 5.65
C SER D 50 10.61 7.06 5.04
N ALA D 51 9.92 5.88 5.07
CA ALA D 51 8.57 5.79 4.45
C ALA D 51 7.61 6.86 4.98
N ALA D 52 7.56 7.07 6.32
CA ALA D 52 6.61 8.07 6.86
C ALA D 52 6.87 9.50 6.27
N VAL D 53 8.15 9.84 5.97
CA VAL D 53 8.46 11.18 5.46
C VAL D 53 7.97 11.28 4.00
N ALA D 54 8.19 10.23 3.25
CA ALA D 54 7.71 10.18 1.87
C ALA D 54 6.18 10.28 1.84
N VAL D 55 5.48 9.55 2.74
CA VAL D 55 4.00 9.58 2.79
C VAL D 55 3.55 11.05 3.11
N PHE D 56 4.22 11.68 4.10
CA PHE D 56 3.87 13.07 4.51
C PHE D 56 4.05 14.03 3.36
N LEU D 57 5.20 13.97 2.68
CA LEU D 57 5.51 14.82 1.54
C LEU D 57 4.56 14.61 0.35
N GLY D 58 4.23 13.36 0.00
CA GLY D 58 3.26 13.15 -1.08
C GLY D 58 1.88 13.65 -0.72
N HIS D 59 1.41 13.42 0.53
CA HIS D 59 0.10 13.96 0.95
C HIS D 59 0.08 15.47 0.79
N GLY D 60 1.12 16.13 1.29
CA GLY D 60 1.23 17.59 1.24
C GLY D 60 1.25 18.14 -0.18
N LEU D 61 2.06 17.56 -1.06
CA LEU D 61 2.13 17.98 -2.49
C LEU D 61 0.81 17.81 -3.20
N ASN D 62 0.24 16.59 -3.07
CA ASN D 62 -1.07 16.31 -3.70
C ASN D 62 -2.13 17.28 -3.18
N SER D 63 -2.10 17.58 -1.86
CA SER D 63 -3.06 18.49 -1.24
C SER D 63 -2.99 19.90 -1.79
N LEU D 64 -1.87 20.25 -2.40
CA LEU D 64 -1.57 21.57 -2.95
C LEU D 64 -1.76 21.64 -4.46
N GLY D 65 -2.13 20.50 -5.09
CA GLY D 65 -2.38 20.44 -6.53
C GLY D 65 -1.18 19.98 -7.34
N ILE D 66 -0.15 19.49 -6.66
CA ILE D 66 1.03 18.96 -7.33
C ILE D 66 0.88 17.41 -7.36
N ARG D 67 0.57 16.87 -8.55
CA ARG D 67 0.32 15.45 -8.76
C ARG D 67 1.57 14.64 -8.42
N THR D 68 1.45 13.79 -7.40
CA THR D 68 2.56 13.04 -6.83
C THR D 68 2.26 11.56 -6.59
N THR D 69 3.24 10.69 -6.95
CA THR D 69 3.23 9.25 -6.67
C THR D 69 4.16 8.96 -5.49
N VAL D 70 3.70 8.23 -4.49
CA VAL D 70 4.57 7.89 -3.36
C VAL D 70 4.90 6.41 -3.43
N LEU D 71 6.19 6.07 -3.36
CA LEU D 71 6.59 4.66 -3.35
C LEU D 71 7.37 4.39 -2.06
N THR D 72 6.86 3.48 -1.19
CA THR D 72 7.52 3.24 0.09
C THR D 72 8.17 1.88 0.18
N GLU D 73 8.24 1.22 -0.92
CA GLU D 73 8.92 -0.07 -1.06
C GLU D 73 9.65 -0.06 -2.41
N GLY D 74 10.72 -0.83 -2.55
CA GLY D 74 11.50 -0.94 -3.79
C GLY D 74 10.94 -2.01 -4.72
N GLY D 75 11.79 -2.96 -5.08
CA GLY D 75 11.43 -4.10 -5.90
C GLY D 75 10.98 -3.75 -7.30
N SER D 76 10.25 -4.70 -7.95
CA SER D 76 9.72 -4.61 -9.31
C SER D 76 8.87 -3.38 -9.56
N THR D 77 7.98 -2.94 -8.63
CA THR D 77 7.16 -1.73 -8.81
C THR D 77 8.04 -0.47 -9.02
N LEU D 78 9.07 -0.34 -8.23
CA LEU D 78 9.97 0.79 -8.33
C LEU D 78 10.77 0.67 -9.63
N THR D 79 11.20 -0.56 -9.98
CA THR D 79 11.98 -0.74 -11.21
C THR D 79 11.13 -0.34 -12.44
N ILE D 80 9.85 -0.68 -12.42
CA ILE D 80 9.00 -0.39 -13.62
C ILE D 80 8.72 1.11 -13.64
N THR D 81 8.58 1.77 -12.46
CA THR D 81 8.46 3.23 -12.44
C THR D 81 9.67 3.87 -13.11
N LEU D 82 10.91 3.42 -12.73
CA LEU D 82 12.17 3.92 -13.28
C LEU D 82 12.18 3.73 -14.80
N ALA D 83 11.68 2.57 -15.29
CA ALA D 83 11.61 2.26 -16.72
C ALA D 83 10.61 3.18 -17.48
N ASN D 84 9.67 3.82 -16.76
CA ASN D 84 8.66 4.66 -17.42
C ASN D 84 8.88 6.14 -17.17
N LEU D 85 9.99 6.53 -16.52
CA LEU D 85 10.25 7.95 -16.24
C LEU D 85 10.25 8.84 -17.46
N ARG D 86 9.84 10.10 -17.28
CA ARG D 86 9.78 11.09 -18.35
C ARG D 86 10.73 12.25 -18.01
N PRO D 87 11.23 13.04 -19.01
CA PRO D 87 12.10 14.21 -18.67
C PRO D 87 11.40 15.31 -17.82
N THR D 88 10.04 15.24 -17.76
CA THR D 88 9.24 16.22 -17.05
C THR D 88 8.88 15.78 -15.65
N ASP D 89 9.37 14.62 -15.22
CA ASP D 89 9.15 14.10 -13.87
C ASP D 89 10.16 14.70 -12.93
N LEU D 90 9.93 14.50 -11.62
CA LEU D 90 10.92 14.87 -10.61
C LEU D 90 10.97 13.70 -9.69
N MSE D 91 12.17 13.21 -9.38
CA MSE D 91 12.31 12.06 -8.50
C MSE D 91 12.87 12.58 -7.21
O MSE D 91 13.95 13.19 -7.22
CB MSE D 91 13.28 11.07 -9.22
CG MSE D 91 13.93 10.02 -8.34
SE MSE D 91 12.54 8.89 -7.67
CE MSE D 91 12.07 7.94 -9.35
N ILE D 92 12.15 12.35 -6.10
CA ILE D 92 12.58 12.79 -4.73
C ILE D 92 12.84 11.55 -3.91
N GLY D 93 14.06 11.39 -3.46
CA GLY D 93 14.38 10.26 -2.62
C GLY D 93 14.59 10.74 -1.20
N VAL D 94 13.99 10.07 -0.22
CA VAL D 94 14.21 10.33 1.22
C VAL D 94 15.08 9.20 1.67
N SER D 95 16.33 9.50 2.03
CA SER D 95 17.31 8.45 2.24
C SER D 95 18.30 8.89 3.31
N VAL D 96 18.31 8.17 4.43
CA VAL D 96 19.25 8.53 5.53
C VAL D 96 19.94 7.25 5.94
N TRP D 97 20.99 7.32 6.75
CA TRP D 97 21.71 6.14 7.18
C TRP D 97 20.82 5.23 8.04
N ARG D 98 20.78 3.91 7.80
CA ARG D 98 21.50 3.20 6.71
C ARG D 98 20.79 3.43 5.38
N TYR D 99 21.54 3.77 4.36
CA TYR D 99 20.97 4.07 3.04
C TYR D 99 20.49 2.81 2.32
N LEU D 100 19.17 2.56 2.36
CA LEU D 100 18.54 1.43 1.67
C LEU D 100 18.84 1.57 0.17
N ARG D 101 19.47 0.55 -0.43
CA ARG D 101 19.96 0.61 -1.81
C ARG D 101 18.91 0.95 -2.86
N ASP D 102 17.66 0.49 -2.71
CA ASP D 102 16.67 0.72 -3.79
C ASP D 102 16.42 2.23 -3.96
N THR D 103 16.40 3.02 -2.84
CA THR D 103 16.19 4.45 -2.97
C THR D 103 17.35 5.10 -3.66
N VAL D 104 18.55 4.72 -3.25
CA VAL D 104 19.78 5.32 -3.84
C VAL D 104 19.80 4.93 -5.37
N ALA D 105 19.46 3.67 -5.70
CA ALA D 105 19.40 3.16 -7.09
C ALA D 105 18.34 3.93 -7.95
N ALA D 106 17.21 4.33 -7.33
CA ALA D 106 16.15 5.08 -7.99
C ALA D 106 16.69 6.45 -8.33
N LEU D 107 17.44 7.12 -7.40
CA LEU D 107 18.02 8.45 -7.72
C LEU D 107 19.06 8.31 -8.82
N ALA D 108 19.93 7.27 -8.74
CA ALA D 108 20.98 7.04 -9.73
C ALA D 108 20.37 6.76 -11.14
N GLY D 109 19.25 6.02 -11.19
CA GLY D 109 18.61 5.67 -12.47
C GLY D 109 17.95 6.89 -13.09
N ALA D 110 17.31 7.71 -12.26
CA ALA D 110 16.68 8.96 -12.71
C ALA D 110 17.76 9.92 -13.24
N ALA D 111 18.85 10.10 -12.44
CA ALA D 111 19.95 11.03 -12.78
C ALA D 111 20.55 10.63 -14.15
N GLU D 112 20.79 9.30 -14.36
CA GLU D 112 21.31 8.80 -15.60
C GLU D 112 20.43 9.15 -16.82
N ARG D 113 19.12 9.28 -16.62
CA ARG D 113 18.13 9.49 -17.69
C ARG D 113 17.83 10.99 -17.87
N GLY D 114 18.60 11.85 -17.21
CA GLY D 114 18.42 13.31 -17.27
C GLY D 114 17.17 13.78 -16.54
N VAL D 115 16.64 12.96 -15.63
CA VAL D 115 15.44 13.36 -14.91
C VAL D 115 15.87 14.13 -13.68
N PRO D 116 15.30 15.33 -13.42
CA PRO D 116 15.61 16.06 -12.17
C PRO D 116 15.50 15.20 -10.93
N THR D 117 16.49 15.35 -10.04
CA THR D 117 16.49 14.57 -8.79
C THR D 117 16.67 15.45 -7.55
N MSE D 118 16.10 15.00 -6.44
CA MSE D 118 16.21 15.69 -5.15
C MSE D 118 16.37 14.66 -4.06
O MSE D 118 15.68 13.68 -4.08
CB MSE D 118 14.94 16.55 -4.89
CG MSE D 118 14.95 17.27 -3.53
SE MSE D 118 13.27 18.28 -3.38
CE MSE D 118 13.30 19.11 -5.14
N ALA D 119 17.27 14.91 -3.13
CA ALA D 119 17.49 14.03 -2.00
C ALA D 119 17.23 14.78 -0.72
N LEU D 120 16.36 14.20 0.18
CA LEU D 120 16.08 14.64 1.57
C LEU D 120 16.86 13.67 2.38
N THR D 121 17.97 14.12 2.94
CA THR D 121 18.93 13.21 3.52
C THR D 121 19.53 13.75 4.85
N ASP D 122 20.47 13.01 5.42
CA ASP D 122 21.07 13.32 6.72
C ASP D 122 22.50 13.84 6.67
N SER D 123 23.04 14.05 5.47
CA SER D 123 24.41 14.51 5.34
C SER D 123 24.58 15.06 3.97
N SER D 124 25.27 16.19 3.83
CA SER D 124 25.50 16.80 2.52
C SER D 124 26.45 15.96 1.59
N VAL D 125 27.12 14.90 2.11
CA VAL D 125 28.00 14.01 1.33
C VAL D 125 27.53 12.53 1.38
N SER D 126 26.25 12.28 1.75
CA SER D 126 25.73 10.92 1.78
C SER D 126 25.62 10.35 0.36
N PRO D 127 25.53 9.02 0.19
CA PRO D 127 25.33 8.46 -1.18
C PRO D 127 24.17 9.17 -1.97
N PRO D 128 22.94 9.40 -1.41
CA PRO D 128 21.91 10.08 -2.23
C PRO D 128 22.30 11.54 -2.52
N ALA D 129 23.00 12.23 -1.56
CA ALA D 129 23.43 13.64 -1.77
C ALA D 129 24.39 13.76 -2.95
N ARG D 130 25.26 12.77 -3.11
CA ARG D 130 26.27 12.80 -4.15
C ARG D 130 25.64 12.65 -5.52
N ILE D 131 24.46 12.04 -5.60
CA ILE D 131 23.79 11.78 -6.89
C ILE D 131 22.85 12.90 -7.30
N ALA D 132 22.07 13.39 -6.37
CA ALA D 132 20.93 14.25 -6.67
C ALA D 132 21.28 15.70 -6.99
N ASP D 133 20.49 16.31 -7.89
CA ASP D 133 20.61 17.73 -8.29
C ASP D 133 20.37 18.67 -7.14
N HIS D 134 19.36 18.39 -6.32
CA HIS D 134 18.95 19.20 -5.17
C HIS D 134 19.10 18.40 -3.90
N VAL D 135 19.75 18.97 -2.87
CA VAL D 135 20.00 18.26 -1.60
C VAL D 135 19.49 19.08 -0.42
N LEU D 136 18.69 18.47 0.46
CA LEU D 136 18.19 19.11 1.65
C LEU D 136 18.55 18.20 2.77
N VAL D 137 19.22 18.78 3.79
CA VAL D 137 19.78 18.01 4.88
C VAL D 137 19.06 18.25 6.20
N ALA D 138 18.74 17.17 6.92
CA ALA D 138 18.13 17.30 8.25
C ALA D 138 18.86 16.41 9.24
N ALA D 139 18.77 16.75 10.50
CA ALA D 139 19.28 15.91 11.59
C ALA D 139 18.25 14.84 11.91
N THR D 140 18.70 13.60 12.28
CA THR D 140 17.76 12.53 12.51
C THR D 140 17.98 11.85 13.84
N ARG D 141 18.90 12.38 14.65
CA ARG D 141 19.30 11.73 15.89
C ARG D 141 18.12 11.37 16.77
N GLY D 142 18.13 10.14 17.28
CA GLY D 142 17.17 9.63 18.27
C GLY D 142 17.88 9.53 19.61
N VAL D 143 17.15 9.50 20.76
CA VAL D 143 17.85 9.36 22.05
C VAL D 143 18.48 7.95 22.19
N GLY D 144 17.95 6.99 21.45
CA GLY D 144 18.45 5.62 21.44
C GLY D 144 18.63 5.18 19.99
N HIS D 145 18.32 3.92 19.69
CA HIS D 145 18.50 3.40 18.34
C HIS D 145 17.49 3.97 17.34
N SER D 146 16.21 4.09 17.71
CA SER D 146 15.17 4.59 16.78
C SER D 146 15.47 6.04 16.40
N LEU D 147 15.59 6.30 15.09
CA LEU D 147 15.83 7.66 14.60
C LEU D 147 14.56 8.51 14.77
N SER D 148 14.69 9.79 14.62
CA SER D 148 13.62 10.75 14.69
C SER D 148 13.45 11.46 13.35
N PRO D 149 12.24 11.41 12.75
CA PRO D 149 12.05 12.11 11.46
C PRO D 149 11.66 13.57 11.62
N VAL D 150 11.72 14.14 12.85
CA VAL D 150 11.23 15.50 13.07
C VAL D 150 11.92 16.55 12.16
N GLY D 151 13.22 16.44 11.97
CA GLY D 151 13.96 17.38 11.13
C GLY D 151 13.55 17.24 9.65
N LEU D 152 13.40 16.00 9.18
CA LEU D 152 12.97 15.73 7.80
C LEU D 152 11.54 16.30 7.59
N ILE D 153 10.65 16.06 8.56
CA ILE D 153 9.26 16.53 8.56
C ILE D 153 9.25 18.08 8.52
N ALA D 154 10.15 18.71 9.25
CA ALA D 154 10.23 20.19 9.26
C ALA D 154 10.68 20.75 7.91
N VAL D 155 11.62 20.07 7.24
CA VAL D 155 12.01 20.47 5.87
C VAL D 155 10.77 20.36 4.93
N VAL D 156 10.00 19.25 5.05
CA VAL D 156 8.76 19.04 4.26
C VAL D 156 7.80 20.19 4.61
N ASN D 157 7.65 20.49 5.92
CA ASN D 157 6.77 21.61 6.28
C ASN D 157 7.19 22.92 5.55
N LEU D 158 8.50 23.16 5.47
CA LEU D 158 8.98 24.38 4.83
C LEU D 158 8.68 24.34 3.35
N LEU D 159 8.97 23.24 2.70
CA LEU D 159 8.67 23.09 1.27
C LEU D 159 7.17 23.38 0.98
N LEU D 160 6.26 22.72 1.74
CA LEU D 160 4.80 22.92 1.59
C LEU D 160 4.39 24.39 1.79
N ALA D 161 5.03 25.05 2.77
CA ALA D 161 4.68 26.46 3.06
C ALA D 161 5.14 27.33 1.92
N GLU D 162 6.32 27.02 1.34
CA GLU D 162 6.86 27.81 0.22
C GLU D 162 5.97 27.63 -1.05
N ILE D 163 5.48 26.42 -1.29
CA ILE D 163 4.65 26.15 -2.47
C ILE D 163 3.33 26.87 -2.31
N ALA D 164 2.70 26.74 -1.12
CA ALA D 164 1.41 27.32 -0.84
C ALA D 164 1.44 28.84 -1.02
N VAL D 165 2.54 29.53 -0.65
CA VAL D 165 2.67 31.00 -0.84
C VAL D 165 2.81 31.32 -2.33
N ARG D 166 3.52 30.47 -3.09
CA ARG D 166 3.76 30.66 -4.53
C ARG D 166 2.51 30.50 -5.38
N GLU D 167 1.66 29.48 -5.07
CA GLU D 167 0.48 29.13 -5.84
C GLU D 167 -0.70 28.96 -4.90
N PRO D 168 -1.20 30.09 -4.31
CA PRO D 168 -2.34 29.99 -3.38
C PRO D 168 -3.67 29.58 -4.02
N GLU D 169 -3.95 29.99 -5.29
CA GLU D 169 -5.20 29.69 -6.01
C GLU D 169 -5.36 28.20 -6.23
N ARG D 170 -4.28 27.54 -6.67
CA ARG D 170 -4.30 26.12 -6.93
C ARG D 170 -4.63 25.33 -5.66
N ALA D 171 -3.96 25.68 -4.55
CA ALA D 171 -4.06 25.05 -3.26
C ALA D 171 -5.43 25.27 -2.66
N LEU D 172 -5.97 26.49 -2.78
CA LEU D 172 -7.31 26.82 -2.29
C LEU D 172 -8.37 25.98 -3.01
N ALA D 173 -8.20 25.75 -4.33
CA ALA D 173 -9.10 24.98 -5.17
C ALA D 173 -9.19 23.52 -4.69
N VAL D 174 -8.05 22.87 -4.39
CA VAL D 174 -8.01 21.49 -3.87
C VAL D 174 -8.67 21.45 -2.49
N LEU D 175 -8.37 22.47 -1.66
CA LEU D 175 -8.93 22.62 -0.31
C LEU D 175 -10.46 22.70 -0.36
N ARG D 176 -11.04 23.41 -1.34
CA ARG D 176 -12.49 23.56 -1.51
C ARG D 176 -13.18 22.20 -1.71
N GLU D 177 -12.54 21.29 -2.47
CA GLU D 177 -13.06 19.94 -2.73
C GLU D 177 -12.97 19.03 -1.48
N VAL D 178 -11.84 19.08 -0.69
CA VAL D 178 -11.72 18.26 0.52
C VAL D 178 -12.66 18.78 1.64
N ASP D 179 -12.96 20.09 1.65
CA ASP D 179 -13.86 20.71 2.61
C ASP D 179 -15.28 20.14 2.45
N ARG D 180 -15.66 19.84 1.19
CA ARG D 180 -16.95 19.26 0.80
C ARG D 180 -17.19 17.86 1.43
N LEU D 181 -16.15 16.98 1.41
CA LEU D 181 -16.23 15.61 1.95
C LEU D 181 -16.53 15.64 3.45
#